data_7RD7
#
_entry.id   7RD7
#
_cell.length_a   1.00
_cell.length_b   1.00
_cell.length_c   1.00
_cell.angle_alpha   90.00
_cell.angle_beta   90.00
_cell.angle_gamma   90.00
#
_symmetry.space_group_name_H-M   'P 1'
#
loop_
_entity.id
_entity.type
_entity.pdbx_description
1 polymer 'Probable phospholipid-transporting ATPase NEO1'
2 non-polymer 'TETRAFLUOROALUMINATE ION'
3 non-polymer 'MAGNESIUM ION'
#
_entity_poly.entity_id   1
_entity_poly.type   'polypeptide(L)'
_entity_poly.pdbx_seq_one_letter_code
;MPNPPSFKSHKQNLFNSNNNQHANSVDSFDLHLDDSFDAALDSLQINNNPEPLSKHNTVGDRESFEMRTVDDLDNFSNHS
SDSHRKSSNTDTHPLMYDNRLSQDDNFKFTNIASSPPSSSNNIFSKALSYLKVSNTKNWSKFGSPIELSDQHIEREIHPD
TTPVYDRNRYVSNELSNAKYNAVTFVPTLLYEQFKFFYNLYFLVVALSQAVPALRIGYLSSYIVPLAFVLTVTMAKEAID
DIQRRRRDRESNNELYHVITRNRSIPSKDLKVGDLIKVHKGDRIPADLVLLQSSEPSGESFIKTDQLDGETDWKLRVACP
LTQNLSENDLINRISITASAPEKSIHKFLGKVTYKDSTSNPLSVDNTLWANTVLASSGFCIACVVYTGRDTRQAMNTTTA
KVKTGLLELEINSISKILCACVFALSILLVAFAGFHNDDWYIDILRYLILFSTIIPVSLRVNLDLAKSVYAHQIEHDKTI
PETIVRTSTIPEDLGRIEYLLSDKTGTLTQNDMQLKKIHLGTVSYTSETLDIVSDYVQSLVSSKNDSLNNSKVALSTTRK
DMSFRVRDMILTLAICHNVTPTFEDDELTYQAASPDEIAIVKFTESVGLSLFKRDRHSISLLHEHSGKTLNYEILQVFPF
NSDSKRMGIIVRDEQLDEYWFMQKGADTVMSKIVESNDWLEEETGNMAREGLRTLVIGRKKLNKKIYEQFQKEYNDASLS
MLNRDQQMSQVITKYLEHDLELLGLTGVEDKLQKDVKSSIELLRNAGIKIWMLTGDKVETARCVSISAKLISRGQYVHTI
TKVTRPEGAFNQLEYLKINRNACLLIDGESLGMFLKHYEQEFFDVVVHLPTVIACRCTPQQKADVALVIRKMTGKRVCCI
GDGGNDVSMIQCADVGVGIVGKEGKQASLAADFSITQFCHLTELLLWHGRNSYKRSAKLAQFVMHRGLIIAICQAVYSIC
SLFEPIALYQGWLMVGYATCYTMAPVFSLTLDHDIEESLTKIYPELYKELTEGKSLSYKTFFVWVLLSLFQGSVIQLFSQ
AFTSLLDTDFTRMVAISFTALVVNELIMVALEIYTWNKTMLVTEIATLLFYIVSVPFLGDYFDLGYMTTVNYYAGLLVIL
LISIFPVWTAKAIYRRLHPPSYAKVQEFATP
;
_entity_poly.pdbx_strand_id   A
#
loop_
_chem_comp.id
_chem_comp.type
_chem_comp.name
_chem_comp.formula
ALF non-polymer 'TETRAFLUOROALUMINATE ION' 'Al F4 -1'
MG non-polymer 'MAGNESIUM ION' 'Mg 2'
#
# COMPACT_ATOMS: atom_id res chain seq x y z
N GLU A 154 32.26 -13.63 -5.07
CA GLU A 154 33.19 -13.46 -6.17
C GLU A 154 32.45 -13.37 -7.50
N ARG A 155 32.85 -12.40 -8.33
CA ARG A 155 32.24 -12.21 -9.64
C ARG A 155 33.21 -11.42 -10.50
N GLU A 156 33.68 -12.03 -11.59
CA GLU A 156 34.69 -11.44 -12.45
C GLU A 156 34.03 -10.97 -13.75
N ILE A 157 34.32 -9.73 -14.13
CA ILE A 157 33.64 -9.07 -15.24
C ILE A 157 34.69 -8.44 -16.15
N HIS A 158 34.68 -8.83 -17.42
CA HIS A 158 35.44 -8.13 -18.46
C HIS A 158 34.48 -7.36 -19.34
N PRO A 159 34.61 -6.04 -19.46
CA PRO A 159 33.66 -5.26 -20.25
C PRO A 159 33.53 -5.66 -21.72
N ASP A 160 34.56 -6.26 -22.31
CA ASP A 160 34.57 -6.51 -23.74
C ASP A 160 34.11 -7.90 -24.15
N THR A 161 34.33 -8.91 -23.31
CA THR A 161 34.00 -10.29 -23.66
C THR A 161 32.48 -10.47 -23.60
N THR A 162 31.81 -10.04 -24.67
CA THR A 162 30.35 -10.06 -24.72
C THR A 162 29.74 -11.47 -24.62
N PRO A 163 30.20 -12.50 -25.37
CA PRO A 163 29.47 -13.79 -25.32
C PRO A 163 29.43 -14.44 -23.95
N VAL A 164 30.50 -14.33 -23.16
CA VAL A 164 30.62 -15.14 -21.94
C VAL A 164 29.57 -14.73 -20.91
N TYR A 165 29.22 -13.44 -20.85
CA TYR A 165 28.13 -13.05 -19.96
C TYR A 165 26.80 -12.99 -20.67
N ASP A 166 26.78 -12.69 -21.97
CA ASP A 166 25.50 -12.52 -22.66
C ASP A 166 24.78 -13.86 -22.80
N ARG A 167 25.51 -14.91 -23.15
CA ARG A 167 24.85 -16.21 -23.37
C ARG A 167 24.44 -16.86 -22.06
N ASN A 168 25.30 -16.81 -21.05
CA ASN A 168 25.05 -17.55 -19.81
C ASN A 168 25.85 -16.90 -18.68
N ARG A 169 26.00 -17.64 -17.58
CA ARG A 169 26.80 -17.38 -16.39
C ARG A 169 26.17 -16.34 -15.46
N TYR A 170 25.14 -15.60 -15.89
CA TYR A 170 24.59 -14.57 -15.01
C TYR A 170 23.11 -14.37 -15.34
N VAL A 171 22.40 -13.81 -14.36
CA VAL A 171 20.97 -13.60 -14.48
C VAL A 171 20.69 -12.47 -15.47
N SER A 172 19.62 -12.62 -16.23
CA SER A 172 19.15 -11.57 -17.12
C SER A 172 18.52 -10.45 -16.31
N ASN A 173 18.49 -9.26 -16.91
CA ASN A 173 17.92 -8.07 -16.25
C ASN A 173 16.40 -8.07 -16.26
N GLU A 174 15.76 -9.11 -16.80
CA GLU A 174 14.31 -9.17 -16.84
C GLU A 174 13.78 -9.45 -15.44
N LEU A 175 12.96 -8.54 -14.93
CA LEU A 175 12.29 -8.68 -13.65
C LEU A 175 10.89 -9.22 -13.90
N SER A 176 10.39 -10.03 -12.98
CA SER A 176 9.09 -10.67 -13.13
C SER A 176 8.21 -10.35 -11.92
N ASN A 177 7.01 -9.83 -12.20
CA ASN A 177 6.00 -9.66 -11.17
C ASN A 177 4.92 -10.73 -11.20
N ALA A 178 4.79 -11.45 -12.32
CA ALA A 178 3.78 -12.49 -12.44
C ALA A 178 4.09 -13.67 -11.53
N LYS A 179 3.04 -14.31 -11.03
CA LYS A 179 3.16 -15.41 -10.09
C LYS A 179 3.18 -16.77 -10.75
N TYR A 180 2.28 -17.02 -11.70
CA TYR A 180 2.13 -18.33 -12.32
C TYR A 180 2.65 -18.31 -13.75
N ASN A 181 3.44 -19.32 -14.08
CA ASN A 181 3.90 -19.51 -15.46
C ASN A 181 2.99 -20.52 -16.16
N ALA A 182 3.29 -20.84 -17.42
CA ALA A 182 2.41 -21.74 -18.17
C ALA A 182 2.49 -23.17 -17.65
N VAL A 183 3.67 -23.60 -17.20
CA VAL A 183 3.84 -24.99 -16.78
C VAL A 183 3.09 -25.27 -15.49
N THR A 184 3.07 -24.31 -14.56
CA THR A 184 2.48 -24.51 -13.24
C THR A 184 1.39 -23.46 -12.98
N PHE A 185 0.54 -23.23 -13.98
CA PHE A 185 -0.61 -22.36 -13.77
C PHE A 185 -1.80 -23.14 -13.22
N VAL A 186 -2.02 -24.35 -13.71
CA VAL A 186 -3.16 -25.15 -13.23
C VAL A 186 -2.87 -25.84 -11.91
N PRO A 187 -1.69 -26.46 -11.65
CA PRO A 187 -1.56 -27.20 -10.39
C PRO A 187 -1.52 -26.28 -9.18
N THR A 188 -0.76 -25.19 -9.26
CA THR A 188 -0.62 -24.28 -8.12
C THR A 188 -1.96 -23.62 -7.80
N LEU A 189 -2.67 -23.14 -8.83
CA LEU A 189 -3.95 -22.49 -8.59
C LEU A 189 -4.99 -23.46 -8.07
N LEU A 190 -5.06 -24.67 -8.64
CA LEU A 190 -6.00 -25.67 -8.15
C LEU A 190 -5.69 -26.06 -6.71
N TYR A 191 -4.40 -26.22 -6.39
CA TYR A 191 -4.01 -26.62 -5.05
C TYR A 191 -4.31 -25.55 -4.03
N GLU A 192 -3.95 -24.30 -4.30
CA GLU A 192 -4.20 -23.25 -3.31
C GLU A 192 -5.65 -22.80 -3.32
N GLN A 193 -6.44 -23.24 -4.29
CA GLN A 193 -7.87 -22.94 -4.29
C GLN A 193 -8.69 -24.01 -3.60
N PHE A 194 -8.26 -25.27 -3.63
CA PHE A 194 -8.95 -26.37 -2.97
C PHE A 194 -8.22 -26.81 -1.70
N LYS A 195 -7.58 -25.88 -1.01
CA LYS A 195 -7.13 -26.12 0.35
C LYS A 195 -8.22 -25.84 1.37
N PHE A 196 -9.02 -24.82 1.12
CA PHE A 196 -10.04 -24.41 2.07
C PHE A 196 -11.25 -25.34 1.98
N PHE A 197 -12.10 -25.27 3.00
CA PHE A 197 -13.23 -26.18 3.07
C PHE A 197 -14.37 -25.79 2.13
N TYR A 198 -14.64 -24.51 1.91
CA TYR A 198 -15.87 -24.18 1.22
C TYR A 198 -15.74 -24.36 -0.28
N ASN A 199 -14.53 -24.60 -0.78
CA ASN A 199 -14.27 -25.00 -2.17
C ASN A 199 -14.25 -26.51 -2.32
N LEU A 200 -13.45 -27.18 -1.49
CA LEU A 200 -13.38 -28.62 -1.48
C LEU A 200 -14.74 -29.24 -1.25
N TYR A 201 -15.64 -28.53 -0.57
CA TYR A 201 -16.94 -29.09 -0.25
C TYR A 201 -17.80 -29.23 -1.50
N PHE A 202 -17.92 -28.17 -2.32
CA PHE A 202 -18.73 -28.39 -3.51
C PHE A 202 -17.96 -29.18 -4.57
N LEU A 203 -16.63 -29.21 -4.50
CA LEU A 203 -15.89 -30.13 -5.35
C LEU A 203 -16.26 -31.58 -5.05
N VAL A 204 -16.35 -31.93 -3.76
CA VAL A 204 -16.76 -33.28 -3.38
C VAL A 204 -18.23 -33.51 -3.72
N VAL A 205 -19.06 -32.48 -3.57
CA VAL A 205 -20.47 -32.61 -3.93
C VAL A 205 -20.62 -32.94 -5.41
N ALA A 206 -19.88 -32.25 -6.27
CA ALA A 206 -19.92 -32.53 -7.69
C ALA A 206 -19.32 -33.90 -8.01
N LEU A 207 -18.21 -34.26 -7.36
CA LEU A 207 -17.58 -35.54 -7.63
C LEU A 207 -18.39 -36.72 -7.11
N SER A 208 -19.37 -36.47 -6.24
CA SER A 208 -20.20 -37.54 -5.71
C SER A 208 -21.00 -38.21 -6.82
N GLN A 209 -21.49 -37.44 -7.78
CA GLN A 209 -22.34 -37.98 -8.83
C GLN A 209 -21.60 -38.87 -9.82
N ALA A 210 -20.26 -38.94 -9.73
CA ALA A 210 -19.52 -39.92 -10.52
C ALA A 210 -19.93 -41.34 -10.14
N VAL A 211 -20.11 -41.59 -8.85
CA VAL A 211 -20.64 -42.88 -8.39
C VAL A 211 -22.11 -42.98 -8.79
N PRO A 212 -22.54 -44.05 -9.47
CA PRO A 212 -23.92 -44.14 -9.98
C PRO A 212 -24.92 -44.63 -8.93
N ALA A 213 -24.82 -44.10 -7.72
CA ALA A 213 -25.80 -44.34 -6.68
C ALA A 213 -26.24 -43.08 -5.94
N LEU A 214 -25.46 -42.01 -5.96
CA LEU A 214 -25.76 -40.77 -5.27
C LEU A 214 -26.38 -39.73 -6.18
N ARG A 215 -26.90 -40.14 -7.34
CA ARG A 215 -27.45 -39.20 -8.31
C ARG A 215 -28.74 -38.60 -7.76
N ILE A 216 -28.75 -37.28 -7.60
CA ILE A 216 -29.91 -36.58 -7.07
C ILE A 216 -30.79 -36.00 -8.16
N GLY A 217 -30.21 -35.53 -9.26
CA GLY A 217 -30.98 -34.92 -10.32
C GLY A 217 -30.19 -34.78 -11.60
N TYR A 218 -30.34 -33.63 -12.26
CA TYR A 218 -29.67 -33.41 -13.53
C TYR A 218 -28.16 -33.39 -13.37
N LEU A 219 -27.46 -34.06 -14.28
CA LEU A 219 -26.02 -33.92 -14.38
C LEU A 219 -25.62 -32.55 -14.89
N SER A 220 -26.54 -31.83 -15.52
CA SER A 220 -26.35 -30.46 -15.96
C SER A 220 -26.55 -29.45 -14.86
N SER A 221 -26.51 -29.88 -13.60
CA SER A 221 -26.72 -28.98 -12.46
C SER A 221 -25.59 -28.98 -11.45
N TYR A 222 -24.79 -30.04 -11.38
CA TYR A 222 -23.70 -30.10 -10.42
C TYR A 222 -22.33 -30.06 -11.08
N ILE A 223 -22.27 -30.08 -12.42
CA ILE A 223 -21.00 -30.14 -13.12
C ILE A 223 -20.80 -28.86 -13.95
N VAL A 224 -21.88 -28.26 -14.42
CA VAL A 224 -21.75 -26.98 -15.12
C VAL A 224 -21.42 -25.83 -14.16
N PRO A 225 -21.90 -25.78 -12.90
CA PRO A 225 -21.39 -24.70 -12.03
C PRO A 225 -19.98 -24.94 -11.54
N LEU A 226 -19.56 -26.19 -11.42
CA LEU A 226 -18.16 -26.48 -11.15
C LEU A 226 -17.27 -25.97 -12.28
N ALA A 227 -17.68 -26.25 -13.52
CA ALA A 227 -16.95 -25.72 -14.67
C ALA A 227 -17.01 -24.20 -14.70
N PHE A 228 -18.10 -23.60 -14.23
CA PHE A 228 -18.21 -22.14 -14.21
C PHE A 228 -17.26 -21.53 -13.18
N VAL A 229 -17.17 -22.10 -11.98
CA VAL A 229 -16.25 -21.56 -10.99
C VAL A 229 -14.82 -21.74 -11.45
N LEU A 230 -14.52 -22.88 -12.10
CA LEU A 230 -13.18 -23.07 -12.64
C LEU A 230 -12.87 -22.05 -13.73
N THR A 231 -13.83 -21.81 -14.63
CA THR A 231 -13.62 -20.85 -15.71
C THR A 231 -13.39 -19.45 -15.17
N VAL A 232 -14.19 -19.04 -14.18
CA VAL A 232 -14.06 -17.70 -13.61
C VAL A 232 -12.72 -17.55 -12.89
N THR A 233 -12.31 -18.57 -12.13
CA THR A 233 -11.03 -18.49 -11.41
C THR A 233 -9.86 -18.41 -12.39
N MET A 234 -9.82 -19.30 -13.38
CA MET A 234 -8.73 -19.25 -14.35
C MET A 234 -8.73 -17.94 -15.12
N ALA A 235 -9.89 -17.42 -15.48
CA ALA A 235 -9.96 -16.13 -16.17
C ALA A 235 -9.42 -15.01 -15.30
N LYS A 236 -9.80 -14.99 -14.02
CA LYS A 236 -9.40 -13.89 -13.15
C LYS A 236 -7.89 -13.87 -12.92
N GLU A 237 -7.31 -15.01 -12.51
CA GLU A 237 -5.86 -15.00 -12.31
C GLU A 237 -5.07 -14.99 -13.62
N ALA A 238 -5.63 -15.44 -14.73
CA ALA A 238 -4.93 -15.27 -16.01
C ALA A 238 -4.88 -13.81 -16.41
N ILE A 239 -6.00 -13.09 -16.25
CA ILE A 239 -6.01 -11.65 -16.52
C ILE A 239 -5.05 -10.94 -15.59
N ASP A 240 -5.03 -11.34 -14.31
CA ASP A 240 -4.11 -10.72 -13.36
C ASP A 240 -2.66 -10.93 -13.76
N ASP A 241 -2.30 -12.15 -14.18
CA ASP A 241 -0.92 -12.41 -14.57
C ASP A 241 -0.53 -11.67 -15.84
N ILE A 242 -1.42 -11.62 -16.84
CA ILE A 242 -1.05 -10.91 -18.07
C ILE A 242 -0.99 -9.41 -17.83
N GLN A 243 -1.83 -8.87 -16.94
CA GLN A 243 -1.75 -7.45 -16.60
C GLN A 243 -0.47 -7.15 -15.82
N ARG A 244 -0.06 -8.07 -14.94
CA ARG A 244 1.21 -7.92 -14.25
C ARG A 244 2.36 -7.90 -15.24
N ARG A 245 2.34 -8.80 -16.22
CA ARG A 245 3.40 -8.84 -17.22
C ARG A 245 3.42 -7.57 -18.06
N ARG A 246 2.25 -7.06 -18.44
CA ARG A 246 2.18 -5.82 -19.20
C ARG A 246 2.73 -4.64 -18.41
N ARG A 247 2.29 -4.51 -17.15
CA ARG A 247 2.77 -3.43 -16.29
C ARG A 247 4.28 -3.52 -16.11
N ASP A 248 4.81 -4.74 -15.99
CA ASP A 248 6.24 -4.88 -15.76
C ASP A 248 7.05 -4.61 -17.02
N ARG A 249 6.53 -4.98 -18.20
CA ARG A 249 7.27 -4.71 -19.42
C ARG A 249 7.16 -3.25 -19.86
N GLU A 250 6.18 -2.50 -19.36
CA GLU A 250 6.21 -1.05 -19.63
C GLU A 250 7.36 -0.33 -18.95
N SER A 251 8.07 -0.98 -18.02
CA SER A 251 9.24 -0.38 -17.39
C SER A 251 10.52 -1.21 -17.63
N ASN A 252 10.43 -2.28 -18.41
CA ASN A 252 11.61 -3.02 -18.84
C ASN A 252 12.14 -2.55 -20.20
N ASN A 253 11.52 -1.54 -20.80
CA ASN A 253 11.93 -1.04 -22.10
C ASN A 253 12.56 0.35 -22.04
N GLU A 254 12.99 0.79 -20.86
CA GLU A 254 13.68 2.06 -20.74
C GLU A 254 15.04 1.98 -21.45
N LEU A 255 15.34 3.01 -22.24
CA LEU A 255 16.48 2.99 -23.14
C LEU A 255 17.71 3.55 -22.43
N TYR A 256 18.82 2.81 -22.49
CA TYR A 256 20.09 3.22 -21.92
C TYR A 256 21.19 3.04 -22.96
N HIS A 257 22.15 3.97 -22.97
CA HIS A 257 23.18 3.99 -23.97
C HIS A 257 24.37 3.12 -23.53
N VAL A 258 24.81 2.24 -24.41
CA VAL A 258 25.95 1.37 -24.14
C VAL A 258 27.14 1.85 -24.96
N ILE A 259 28.31 1.85 -24.33
CA ILE A 259 29.52 2.33 -24.99
C ILE A 259 29.90 1.41 -26.14
N THR A 260 29.94 0.10 -25.88
CA THR A 260 30.40 -0.85 -26.90
C THR A 260 29.35 -1.05 -27.98
N ARG A 261 28.08 -1.14 -27.60
CA ARG A 261 27.02 -1.39 -28.57
C ARG A 261 26.71 -0.17 -29.43
N ASN A 262 27.08 1.02 -28.99
CA ASN A 262 26.93 2.27 -29.74
C ASN A 262 25.48 2.56 -30.12
N ARG A 263 24.51 2.04 -29.36
CA ARG A 263 23.11 2.31 -29.60
C ARG A 263 22.34 2.10 -28.31
N SER A 264 21.28 2.88 -28.14
CA SER A 264 20.44 2.75 -26.95
C SER A 264 19.68 1.43 -26.97
N ILE A 265 19.81 0.67 -25.91
CA ILE A 265 19.17 -0.65 -25.79
C ILE A 265 18.30 -0.63 -24.54
N PRO A 266 17.26 -1.46 -24.50
CA PRO A 266 16.37 -1.44 -23.32
C PRO A 266 17.02 -2.07 -22.10
N SER A 267 16.38 -1.83 -20.95
CA SER A 267 16.94 -2.27 -19.68
C SER A 267 17.00 -3.79 -19.57
N LYS A 268 15.99 -4.48 -20.11
CA LYS A 268 16.02 -5.94 -20.10
C LYS A 268 17.12 -6.49 -20.98
N ASP A 269 17.50 -5.75 -22.03
CA ASP A 269 18.59 -6.18 -22.90
C ASP A 269 19.93 -6.02 -22.20
N LEU A 270 20.01 -5.11 -21.24
CA LEU A 270 21.24 -4.86 -20.50
C LEU A 270 21.67 -6.11 -19.74
N LYS A 271 22.96 -6.42 -19.81
CA LYS A 271 23.56 -7.52 -19.08
C LYS A 271 24.60 -6.97 -18.12
N VAL A 272 25.36 -7.87 -17.50
CA VAL A 272 26.43 -7.50 -16.59
C VAL A 272 27.67 -7.12 -17.39
N GLY A 273 28.25 -5.97 -17.07
CA GLY A 273 29.52 -5.58 -17.64
C GLY A 273 29.49 -4.75 -18.90
N ASP A 274 28.39 -4.09 -19.21
CA ASP A 274 28.33 -3.20 -20.36
C ASP A 274 28.33 -1.75 -19.89
N LEU A 275 29.30 -0.98 -20.37
CA LEU A 275 29.51 0.37 -19.89
C LEU A 275 28.39 1.29 -20.32
N ILE A 276 27.60 1.77 -19.36
CA ILE A 276 26.48 2.66 -19.64
C ILE A 276 26.92 4.09 -19.40
N LYS A 277 26.67 4.96 -20.37
CA LYS A 277 26.84 6.40 -20.21
C LYS A 277 25.52 6.93 -19.67
N VAL A 278 25.35 6.84 -18.36
CA VAL A 278 24.09 7.22 -17.73
C VAL A 278 24.11 8.71 -17.41
N HIS A 279 23.01 9.39 -17.72
CA HIS A 279 22.94 10.84 -17.63
C HIS A 279 22.30 11.26 -16.32
N LYS A 280 22.11 12.58 -16.16
CA LYS A 280 21.69 13.14 -14.89
C LYS A 280 20.31 12.66 -14.47
N GLY A 281 19.28 13.04 -15.23
CA GLY A 281 17.92 12.84 -14.76
C GLY A 281 17.37 11.45 -15.00
N ASP A 282 18.22 10.50 -15.39
CA ASP A 282 17.80 9.17 -15.76
C ASP A 282 17.95 8.20 -14.60
N ARG A 283 16.96 7.33 -14.44
CA ARG A 283 16.99 6.33 -13.38
C ARG A 283 18.09 5.32 -13.65
N ILE A 284 18.81 4.95 -12.59
CA ILE A 284 19.94 4.03 -12.73
C ILE A 284 19.42 2.66 -13.16
N PRO A 285 20.04 1.97 -14.13
CA PRO A 285 19.49 0.70 -14.61
C PRO A 285 19.61 -0.45 -13.62
N ALA A 286 20.81 -0.68 -13.11
CA ALA A 286 21.09 -1.83 -12.24
C ALA A 286 22.15 -1.40 -11.24
N ASP A 287 22.80 -2.38 -10.60
CA ASP A 287 23.90 -2.04 -9.69
C ASP A 287 25.14 -1.68 -10.50
N LEU A 288 25.35 -0.39 -10.66
CA LEU A 288 26.44 0.17 -11.43
C LEU A 288 27.64 0.44 -10.53
N VAL A 289 28.82 0.47 -11.15
CA VAL A 289 30.05 0.87 -10.48
C VAL A 289 30.66 1.99 -11.31
N LEU A 290 30.95 3.12 -10.66
CA LEU A 290 31.41 4.31 -11.35
C LEU A 290 32.88 4.15 -11.71
N LEU A 291 33.17 4.10 -13.01
CA LEU A 291 34.54 4.01 -13.49
C LEU A 291 35.04 5.33 -14.06
N GLN A 292 34.16 6.30 -14.30
CA GLN A 292 34.52 7.61 -14.82
C GLN A 292 33.35 8.56 -14.60
N SER A 293 33.66 9.82 -14.30
CA SER A 293 32.65 10.83 -14.10
C SER A 293 32.96 12.06 -14.94
N SER A 294 31.90 12.79 -15.30
CA SER A 294 32.06 13.96 -16.16
C SER A 294 32.89 15.04 -15.48
N GLU A 295 32.65 15.28 -14.20
CA GLU A 295 33.35 16.34 -13.49
C GLU A 295 34.82 15.96 -13.31
N PRO A 296 35.74 16.94 -13.41
CA PRO A 296 37.16 16.63 -13.19
C PRO A 296 37.46 16.13 -11.79
N SER A 297 36.68 16.54 -10.80
CA SER A 297 36.85 16.02 -9.45
C SER A 297 36.55 14.53 -9.38
N GLY A 298 35.57 14.07 -10.15
CA GLY A 298 35.23 12.67 -10.21
C GLY A 298 34.13 12.23 -9.29
N GLU A 299 33.28 13.15 -8.82
CA GLU A 299 32.23 12.84 -7.86
C GLU A 299 30.87 13.28 -8.40
N SER A 300 29.83 12.56 -7.97
CA SER A 300 28.47 12.87 -8.37
C SER A 300 27.53 12.46 -7.25
N PHE A 301 26.36 13.10 -7.21
CA PHE A 301 25.41 12.92 -6.12
C PHE A 301 24.32 11.96 -6.57
N ILE A 302 24.37 10.73 -6.10
CA ILE A 302 23.29 9.79 -6.36
C ILE A 302 22.16 10.05 -5.36
N LYS A 303 20.97 9.58 -5.71
CA LYS A 303 19.75 9.96 -5.02
C LYS A 303 18.94 8.70 -4.75
N THR A 304 18.87 8.30 -3.49
CA THR A 304 18.37 6.99 -3.08
C THR A 304 17.08 7.08 -2.27
N ASP A 305 16.13 7.90 -2.72
CA ASP A 305 14.84 7.94 -2.05
C ASP A 305 14.01 6.67 -2.28
N GLN A 306 14.44 5.82 -3.21
CA GLN A 306 13.72 4.60 -3.55
C GLN A 306 14.59 3.37 -3.45
N LEU A 307 15.86 3.52 -3.09
CA LEU A 307 16.70 2.42 -2.65
C LEU A 307 16.47 2.13 -1.17
N ASP A 308 16.69 3.14 -0.33
CA ASP A 308 16.21 3.20 1.04
C ASP A 308 15.31 4.42 1.17
N GLY A 309 14.94 4.75 2.40
CA GLY A 309 14.03 5.87 2.58
C GLY A 309 14.70 7.21 2.78
N GLU A 310 15.97 7.34 2.43
CA GLU A 310 16.73 8.55 2.72
C GLU A 310 16.21 9.73 1.89
N THR A 311 16.52 10.93 2.37
CA THR A 311 16.10 12.16 1.70
C THR A 311 17.27 13.03 1.27
N ASP A 312 18.49 12.71 1.67
CA ASP A 312 19.68 13.44 1.24
C ASP A 312 20.34 12.73 0.07
N TRP A 313 21.26 13.43 -0.59
CA TRP A 313 21.98 12.88 -1.73
C TRP A 313 23.31 12.30 -1.25
N LYS A 314 23.68 11.16 -1.83
CA LYS A 314 24.88 10.44 -1.44
C LYS A 314 26.01 10.78 -2.40
N LEU A 315 27.12 11.29 -1.85
CA LEU A 315 28.30 11.60 -2.64
C LEU A 315 29.01 10.31 -3.02
N ARG A 316 28.95 9.95 -4.31
CA ARG A 316 29.66 8.79 -4.83
C ARG A 316 30.76 9.28 -5.77
N VAL A 317 31.98 8.84 -5.53
CA VAL A 317 33.13 9.27 -6.32
C VAL A 317 33.43 8.20 -7.36
N ALA A 318 33.96 8.63 -8.50
CA ALA A 318 34.48 7.69 -9.48
C ALA A 318 35.78 7.08 -8.98
N CYS A 319 36.14 5.95 -9.56
CA CYS A 319 37.40 5.31 -9.18
C CYS A 319 38.56 6.21 -9.59
N PRO A 320 39.41 6.62 -8.64
CA PRO A 320 40.46 7.59 -8.98
C PRO A 320 41.46 7.09 -10.01
N LEU A 321 41.76 5.79 -10.02
CA LEU A 321 42.70 5.26 -11.00
C LEU A 321 42.12 5.20 -12.40
N THR A 322 40.79 5.12 -12.53
CA THR A 322 40.16 4.94 -13.82
C THR A 322 39.37 6.15 -14.30
N GLN A 323 39.22 7.19 -13.47
CA GLN A 323 38.42 8.34 -13.89
C GLN A 323 39.12 9.14 -14.98
N ASN A 324 40.46 9.11 -15.03
CA ASN A 324 41.19 9.79 -16.09
C ASN A 324 41.04 9.08 -17.43
N LEU A 325 40.92 7.74 -17.39
CA LEU A 325 40.79 6.95 -18.61
C LEU A 325 39.47 7.23 -19.32
N ILE A 331 39.44 5.61 -24.17
CA ILE A 331 38.89 4.72 -23.16
C ILE A 331 39.47 3.32 -23.33
N ASN A 332 39.80 2.68 -22.21
CA ASN A 332 40.37 1.35 -22.18
C ASN A 332 39.44 0.42 -21.40
N ARG A 333 39.70 -0.88 -21.53
CA ARG A 333 38.89 -1.90 -20.87
C ARG A 333 39.46 -2.19 -19.49
N ILE A 334 38.56 -2.25 -18.50
CA ILE A 334 38.96 -2.33 -17.10
C ILE A 334 38.19 -3.45 -16.40
N SER A 335 38.92 -4.37 -15.77
CA SER A 335 38.32 -5.58 -15.22
C SER A 335 37.72 -5.29 -13.84
N ILE A 336 36.57 -5.89 -13.55
CA ILE A 336 35.96 -5.74 -12.23
C ILE A 336 35.89 -7.11 -11.57
N THR A 337 36.11 -7.15 -10.25
CA THR A 337 35.88 -8.38 -9.50
C THR A 337 35.20 -8.01 -8.19
N ALA A 338 33.91 -8.30 -8.08
CA ALA A 338 33.13 -7.95 -6.91
C ALA A 338 32.86 -9.18 -6.05
N SER A 339 32.24 -8.94 -4.91
CA SER A 339 31.85 -10.02 -4.01
C SER A 339 30.50 -10.60 -4.42
N ALA A 340 30.17 -11.75 -3.85
CA ALA A 340 28.88 -12.36 -4.09
C ALA A 340 27.77 -11.46 -3.55
N PRO A 341 26.63 -11.38 -4.21
CA PRO A 341 25.58 -10.45 -3.78
C PRO A 341 25.05 -10.80 -2.39
N GLU A 342 24.79 -9.76 -1.61
CA GLU A 342 24.29 -9.90 -0.24
C GLU A 342 23.08 -8.99 -0.09
N LYS A 343 22.59 -8.88 1.14
CA LYS A 343 21.47 -7.99 1.45
C LYS A 343 21.93 -6.66 2.03
N SER A 344 23.24 -6.39 2.02
CA SER A 344 23.80 -5.21 2.66
C SER A 344 23.62 -4.01 1.73
N ILE A 345 22.64 -3.16 2.06
CA ILE A 345 22.36 -1.96 1.27
C ILE A 345 23.36 -0.84 1.54
N HIS A 346 24.19 -0.98 2.58
CA HIS A 346 25.16 0.05 2.94
C HIS A 346 26.59 -0.48 2.88
N LYS A 347 26.83 -1.59 2.18
CA LYS A 347 28.15 -2.20 2.13
C LYS A 347 28.44 -2.64 0.70
N PHE A 348 29.72 -2.58 0.33
CA PHE A 348 30.18 -3.02 -0.98
C PHE A 348 31.63 -3.45 -0.84
N LEU A 349 31.96 -4.59 -1.44
CA LEU A 349 33.32 -5.12 -1.42
C LEU A 349 33.68 -5.59 -2.82
N GLY A 350 34.50 -4.80 -3.51
CA GLY A 350 34.94 -5.13 -4.85
C GLY A 350 36.36 -4.68 -5.09
N LYS A 351 36.84 -4.96 -6.31
CA LYS A 351 38.20 -4.57 -6.69
C LYS A 351 38.23 -4.27 -8.18
N VAL A 352 38.94 -3.20 -8.54
CA VAL A 352 39.15 -2.83 -9.94
C VAL A 352 40.54 -3.30 -10.35
N THR A 353 40.61 -4.11 -11.40
CA THR A 353 41.86 -4.66 -11.90
C THR A 353 42.20 -4.08 -13.26
N TYR A 354 43.39 -3.51 -13.37
CA TYR A 354 43.94 -2.95 -14.60
C TYR A 354 45.06 -3.87 -15.09
N LYS A 355 45.73 -3.45 -16.16
CA LYS A 355 46.84 -4.21 -16.70
C LYS A 355 48.03 -4.14 -15.74
N ASP A 356 48.97 -5.08 -15.94
CA ASP A 356 50.19 -5.21 -15.14
C ASP A 356 49.91 -5.46 -13.67
N SER A 357 48.74 -6.05 -13.37
CA SER A 357 48.37 -6.55 -12.04
C SER A 357 48.41 -5.42 -11.00
N THR A 358 47.52 -4.45 -11.21
CA THR A 358 47.36 -3.32 -10.29
C THR A 358 45.97 -3.42 -9.67
N SER A 359 45.85 -4.17 -8.58
CA SER A 359 44.58 -4.27 -7.87
C SER A 359 44.27 -2.97 -7.12
N ASN A 360 43.00 -2.65 -7.02
CA ASN A 360 42.54 -1.43 -6.39
C ASN A 360 41.32 -1.73 -5.54
N PRO A 361 41.08 -0.93 -4.50
CA PRO A 361 39.90 -1.17 -3.64
C PRO A 361 38.63 -0.52 -4.16
N LEU A 362 37.51 -1.17 -3.86
CA LEU A 362 36.18 -0.62 -4.09
C LEU A 362 35.37 -0.70 -2.80
N SER A 363 34.46 0.26 -2.63
CA SER A 363 33.60 0.31 -1.45
C SER A 363 32.25 0.86 -1.86
N VAL A 364 31.42 1.15 -0.85
CA VAL A 364 30.11 1.74 -1.09
C VAL A 364 30.23 3.14 -1.70
N ASP A 365 31.35 3.82 -1.46
CA ASP A 365 31.51 5.20 -1.92
C ASP A 365 31.73 5.32 -3.42
N ASN A 366 31.94 4.22 -4.14
CA ASN A 366 32.13 4.28 -5.59
C ASN A 366 31.23 3.26 -6.27
N THR A 367 29.96 3.23 -5.89
CA THR A 367 29.01 2.31 -6.52
C THR A 367 27.63 2.96 -6.57
N LEU A 368 26.91 2.68 -7.64
CA LEU A 368 25.50 3.05 -7.74
C LEU A 368 24.66 1.79 -7.73
N TRP A 369 23.42 1.91 -7.28
CA TRP A 369 22.61 0.72 -7.09
C TRP A 369 21.28 0.86 -7.83
N ALA A 370 20.53 -0.24 -7.80
CA ALA A 370 19.49 -0.58 -8.77
C ALA A 370 18.54 0.54 -9.11
N ASN A 371 17.84 1.10 -8.14
CA ASN A 371 16.79 2.08 -8.41
C ASN A 371 17.15 3.47 -7.91
N THR A 372 18.44 3.77 -7.89
CA THR A 372 18.93 5.10 -7.57
C THR A 372 18.66 6.03 -8.76
N VAL A 373 18.69 7.35 -8.53
CA VAL A 373 18.62 8.33 -9.60
C VAL A 373 19.88 9.20 -9.52
N LEU A 374 20.56 9.35 -10.64
CA LEU A 374 21.80 10.13 -10.65
C LEU A 374 21.49 11.62 -10.52
N ALA A 375 22.49 12.37 -10.07
CA ALA A 375 22.50 13.81 -10.13
C ALA A 375 23.95 14.26 -10.02
N SER A 376 24.16 15.55 -10.27
CA SER A 376 25.46 16.20 -10.10
C SER A 376 26.50 15.68 -11.10
N SER A 377 26.11 15.73 -12.37
CA SER A 377 26.99 15.45 -13.51
C SER A 377 26.27 15.90 -14.77
N GLY A 378 26.83 15.53 -15.92
CA GLY A 378 26.10 15.60 -17.17
C GLY A 378 25.95 14.18 -17.71
N PHE A 379 26.92 13.35 -17.37
CA PHE A 379 26.93 11.94 -17.72
C PHE A 379 27.98 11.26 -16.86
N CYS A 380 27.94 9.93 -16.83
CA CYS A 380 29.03 9.16 -16.24
C CYS A 380 29.04 7.77 -16.82
N ILE A 381 30.24 7.23 -16.97
CA ILE A 381 30.46 5.89 -17.52
C ILE A 381 30.51 4.93 -16.34
N ALA A 382 29.57 3.99 -16.29
CA ALA A 382 29.50 3.05 -15.18
C ALA A 382 29.27 1.63 -15.70
N CYS A 383 29.90 0.67 -15.05
CA CYS A 383 29.84 -0.72 -15.46
C CYS A 383 28.87 -1.49 -14.57
N VAL A 384 27.96 -2.24 -15.20
CA VAL A 384 26.99 -3.03 -14.43
C VAL A 384 27.68 -4.23 -13.81
N VAL A 385 27.38 -4.50 -12.54
CA VAL A 385 27.97 -5.62 -11.81
C VAL A 385 26.90 -6.60 -11.35
N TYR A 386 25.85 -6.11 -10.70
CA TYR A 386 24.74 -6.95 -10.27
C TYR A 386 23.48 -6.57 -11.06
N THR A 387 22.80 -7.59 -11.59
CA THR A 387 21.63 -7.37 -12.41
C THR A 387 20.56 -8.41 -12.11
N GLY A 388 19.31 -8.03 -12.35
CA GLY A 388 18.19 -8.95 -12.17
C GLY A 388 17.84 -9.22 -10.72
N ARG A 389 17.96 -10.48 -10.31
CA ARG A 389 17.66 -10.88 -8.94
C ARG A 389 18.89 -10.89 -8.05
N ASP A 390 20.06 -10.57 -8.59
CA ASP A 390 21.28 -10.43 -7.82
C ASP A 390 21.51 -9.02 -7.33
N THR A 391 20.61 -8.09 -7.64
CA THR A 391 20.76 -6.72 -7.21
C THR A 391 20.53 -6.58 -5.71
N ARG A 392 21.08 -5.52 -5.13
CA ARG A 392 20.81 -5.21 -3.73
C ARG A 392 19.34 -4.89 -3.51
N GLN A 393 18.66 -4.39 -4.53
CA GLN A 393 17.25 -4.07 -4.38
C GLN A 393 16.39 -5.32 -4.35
N ALA A 394 16.66 -6.28 -5.23
CA ALA A 394 15.80 -7.45 -5.39
C ALA A 394 16.20 -8.60 -4.47
N MET A 395 17.23 -8.40 -3.66
CA MET A 395 17.60 -9.41 -2.68
C MET A 395 17.24 -8.98 -1.26
N ASN A 396 16.85 -7.72 -1.07
CA ASN A 396 16.18 -7.28 0.14
C ASN A 396 14.66 -7.50 0.07
N THR A 397 14.23 -8.45 -0.76
CA THR A 397 12.82 -8.73 -0.97
C THR A 397 12.56 -10.22 -0.75
N THR A 398 11.48 -10.51 -0.04
CA THR A 398 11.03 -11.88 0.18
C THR A 398 10.01 -12.24 -0.90
N THR A 399 9.98 -13.53 -1.24
CA THR A 399 9.06 -14.00 -2.27
C THR A 399 7.62 -13.77 -1.83
N ALA A 400 6.81 -13.27 -2.77
CA ALA A 400 5.42 -12.95 -2.48
C ALA A 400 4.61 -14.23 -2.28
N LYS A 401 3.65 -14.17 -1.38
CA LYS A 401 2.75 -15.28 -1.08
C LYS A 401 1.32 -14.89 -1.42
N VAL A 402 0.48 -15.92 -1.59
CA VAL A 402 -0.93 -15.69 -1.88
C VAL A 402 -1.61 -15.10 -0.65
N LYS A 403 -2.58 -14.23 -0.88
CA LYS A 403 -3.25 -13.49 0.19
C LYS A 403 -4.74 -13.83 0.15
N THR A 404 -5.20 -14.54 1.18
CA THR A 404 -6.61 -14.84 1.34
C THR A 404 -7.23 -13.84 2.31
N GLY A 405 -8.38 -13.29 1.93
CA GLY A 405 -9.00 -12.28 2.75
C GLY A 405 -9.51 -12.83 4.06
N LEU A 406 -9.76 -11.91 5.00
CA LEU A 406 -10.34 -12.32 6.28
C LEU A 406 -11.77 -12.81 6.09
N LEU A 407 -12.54 -12.14 5.22
CA LEU A 407 -13.90 -12.57 4.92
C LEU A 407 -13.91 -13.96 4.31
N GLU A 408 -12.87 -14.32 3.57
CA GLU A 408 -12.71 -15.69 3.08
C GLU A 408 -12.66 -16.67 4.24
N LEU A 409 -11.88 -16.35 5.28
CA LEU A 409 -11.78 -17.23 6.44
C LEU A 409 -13.10 -17.30 7.21
N GLU A 410 -13.80 -16.18 7.34
CA GLU A 410 -15.08 -16.17 8.04
C GLU A 410 -16.11 -17.03 7.31
N ILE A 411 -16.16 -16.91 5.98
CA ILE A 411 -17.06 -17.74 5.19
C ILE A 411 -16.64 -19.21 5.27
N ASN A 412 -15.35 -19.49 5.33
CA ASN A 412 -14.90 -20.87 5.51
C ASN A 412 -15.40 -21.46 6.83
N SER A 413 -15.32 -20.68 7.91
CA SER A 413 -15.77 -21.18 9.21
C SER A 413 -17.28 -21.38 9.25
N ILE A 414 -18.05 -20.39 8.79
CA ILE A 414 -19.49 -20.56 8.80
C ILE A 414 -19.94 -21.62 7.80
N SER A 415 -19.14 -21.90 6.77
CA SER A 415 -19.45 -23.01 5.87
C SER A 415 -19.19 -24.35 6.53
N LYS A 416 -18.14 -24.45 7.36
CA LYS A 416 -17.94 -25.66 8.15
C LYS A 416 -19.13 -25.93 9.05
N ILE A 417 -19.60 -24.88 9.73
CA ILE A 417 -20.74 -25.05 10.64
C ILE A 417 -22.01 -25.38 9.84
N LEU A 418 -22.16 -24.80 8.66
CA LEU A 418 -23.30 -25.14 7.80
C LEU A 418 -23.27 -26.59 7.36
N CYS A 419 -22.09 -27.10 7.01
CA CYS A 419 -21.96 -28.50 6.65
C CYS A 419 -22.34 -29.40 7.82
N ALA A 420 -21.88 -29.06 9.03
CA ALA A 420 -22.28 -29.83 10.20
C ALA A 420 -23.79 -29.77 10.41
N CYS A 421 -24.39 -28.60 10.20
CA CYS A 421 -25.84 -28.45 10.38
C CYS A 421 -26.62 -29.31 9.40
N VAL A 422 -26.23 -29.31 8.11
CA VAL A 422 -27.00 -30.06 7.14
C VAL A 422 -26.74 -31.56 7.29
N PHE A 423 -25.55 -31.96 7.73
CA PHE A 423 -25.34 -33.37 8.06
C PHE A 423 -26.23 -33.81 9.21
N ALA A 424 -26.34 -32.98 10.25
CA ALA A 424 -27.23 -33.29 11.36
C ALA A 424 -28.69 -33.37 10.90
N LEU A 425 -29.10 -32.44 10.03
CA LEU A 425 -30.47 -32.46 9.52
C LEU A 425 -30.74 -33.71 8.70
N SER A 426 -29.78 -34.13 7.88
CA SER A 426 -29.96 -35.35 7.09
C SER A 426 -30.03 -36.59 7.96
N ILE A 427 -29.16 -36.69 8.97
CA ILE A 427 -29.21 -37.83 9.88
C ILE A 427 -30.52 -37.85 10.64
N LEU A 428 -31.00 -36.68 11.05
CA LEU A 428 -32.31 -36.59 11.70
C LEU A 428 -33.42 -37.05 10.78
N LEU A 429 -33.36 -36.66 9.50
CA LEU A 429 -34.40 -37.05 8.55
C LEU A 429 -34.42 -38.56 8.35
N VAL A 430 -33.25 -39.18 8.21
CA VAL A 430 -33.20 -40.62 7.98
C VAL A 430 -33.61 -41.39 9.23
N ALA A 431 -33.19 -40.92 10.41
CA ALA A 431 -33.60 -41.57 11.65
C ALA A 431 -35.10 -41.45 11.87
N PHE A 432 -35.68 -40.29 11.52
CA PHE A 432 -37.13 -40.14 11.63
C PHE A 432 -37.85 -41.02 10.63
N ALA A 433 -37.23 -41.29 9.47
CA ALA A 433 -37.84 -42.17 8.48
C ALA A 433 -38.02 -43.57 9.05
N GLY A 434 -37.01 -44.08 9.76
CA GLY A 434 -37.15 -45.38 10.41
C GLY A 434 -36.03 -46.35 10.11
N PHE A 435 -34.95 -45.85 9.50
CA PHE A 435 -33.79 -46.67 9.14
C PHE A 435 -34.19 -47.84 8.24
N HIS A 436 -35.13 -47.59 7.34
CA HIS A 436 -35.59 -48.60 6.40
C HIS A 436 -34.78 -48.51 5.11
N ASN A 437 -35.25 -49.19 4.06
CA ASN A 437 -34.67 -49.25 2.72
C ASN A 437 -33.36 -50.02 2.67
N ASP A 438 -32.85 -50.51 3.81
CA ASP A 438 -31.66 -51.35 3.94
C ASP A 438 -30.38 -50.60 3.57
N ASP A 439 -30.55 -49.34 3.15
CA ASP A 439 -29.43 -48.47 2.79
C ASP A 439 -29.56 -47.10 3.46
N TRP A 440 -29.32 -47.02 4.77
CA TRP A 440 -29.46 -45.77 5.49
C TRP A 440 -28.28 -44.84 5.22
N TYR A 441 -27.07 -45.39 5.06
CA TYR A 441 -25.91 -44.57 4.75
C TYR A 441 -26.04 -43.90 3.38
N ILE A 442 -26.52 -44.64 2.38
CA ILE A 442 -26.79 -44.04 1.08
C ILE A 442 -27.85 -42.95 1.21
N ASP A 443 -28.84 -43.17 2.07
CA ASP A 443 -29.88 -42.16 2.27
C ASP A 443 -29.34 -40.89 2.89
N ILE A 444 -28.48 -41.00 3.92
CA ILE A 444 -27.94 -39.79 4.53
C ILE A 444 -27.00 -39.07 3.56
N LEU A 445 -26.22 -39.83 2.78
CA LEU A 445 -25.34 -39.18 1.81
C LEU A 445 -26.13 -38.48 0.71
N ARG A 446 -27.17 -39.11 0.19
CA ARG A 446 -27.98 -38.49 -0.84
C ARG A 446 -28.72 -37.27 -0.33
N TYR A 447 -29.22 -37.33 0.91
CA TYR A 447 -29.90 -36.17 1.47
C TYR A 447 -28.91 -35.04 1.72
N LEU A 448 -27.69 -35.38 2.13
CA LEU A 448 -26.66 -34.36 2.34
C LEU A 448 -26.28 -33.69 1.02
N ILE A 449 -26.17 -34.48 -0.05
CA ILE A 449 -25.90 -33.92 -1.37
C ILE A 449 -27.06 -33.03 -1.82
N LEU A 450 -28.29 -33.43 -1.52
CA LEU A 450 -29.44 -32.61 -1.85
C LEU A 450 -29.41 -31.27 -1.13
N PHE A 451 -29.12 -31.29 0.17
CA PHE A 451 -29.19 -30.08 0.98
C PHE A 451 -28.00 -29.16 0.80
N SER A 452 -26.85 -29.68 0.38
CA SER A 452 -25.62 -28.92 0.34
C SER A 452 -25.05 -28.85 -1.08
N THR A 453 -25.90 -28.53 -2.04
CA THR A 453 -25.45 -28.30 -3.41
C THR A 453 -25.97 -26.98 -3.97
N ILE A 454 -26.59 -26.15 -3.13
CA ILE A 454 -27.14 -24.89 -3.61
C ILE A 454 -26.41 -23.73 -2.94
N ILE A 455 -25.93 -23.93 -1.71
CA ILE A 455 -25.11 -22.92 -1.05
C ILE A 455 -23.66 -22.96 -1.51
N PRO A 456 -22.92 -24.08 -1.40
CA PRO A 456 -21.45 -24.00 -1.50
C PRO A 456 -20.93 -23.56 -2.86
N VAL A 457 -21.72 -23.70 -3.93
CA VAL A 457 -21.27 -23.31 -5.25
C VAL A 457 -21.86 -21.97 -5.70
N SER A 458 -23.08 -21.63 -5.26
CA SER A 458 -23.59 -20.29 -5.53
C SER A 458 -22.83 -19.24 -4.73
N LEU A 459 -22.34 -19.62 -3.56
CA LEU A 459 -21.56 -18.71 -2.73
C LEU A 459 -20.27 -18.33 -3.45
N ARG A 460 -19.62 -19.29 -4.10
CA ARG A 460 -18.36 -19.01 -4.79
C ARG A 460 -18.56 -18.13 -6.02
N VAL A 461 -19.57 -18.43 -6.85
CA VAL A 461 -19.79 -17.60 -8.03
C VAL A 461 -20.16 -16.18 -7.61
N ASN A 462 -20.99 -16.05 -6.57
CA ASN A 462 -21.38 -14.73 -6.10
C ASN A 462 -20.18 -13.97 -5.56
N LEU A 463 -19.32 -14.64 -4.78
CA LEU A 463 -18.14 -13.99 -4.23
C LEU A 463 -17.19 -13.53 -5.33
N ASP A 464 -16.93 -14.40 -6.32
CA ASP A 464 -15.96 -14.08 -7.36
C ASP A 464 -16.44 -12.94 -8.24
N LEU A 465 -17.70 -13.00 -8.68
CA LEU A 465 -18.19 -11.91 -9.51
C LEU A 465 -18.35 -10.62 -8.70
N ALA A 466 -18.63 -10.72 -7.40
CA ALA A 466 -18.64 -9.53 -6.56
C ALA A 466 -17.26 -8.91 -6.46
N LYS A 467 -16.22 -9.74 -6.32
CA LYS A 467 -14.85 -9.21 -6.26
C LYS A 467 -14.46 -8.53 -7.57
N SER A 468 -14.88 -9.11 -8.70
CA SER A 468 -14.64 -8.45 -9.98
C SER A 468 -15.35 -7.11 -10.06
N VAL A 469 -16.59 -7.06 -9.56
CA VAL A 469 -17.34 -5.80 -9.54
C VAL A 469 -16.63 -4.78 -8.64
N TYR A 470 -16.11 -5.24 -7.50
CA TYR A 470 -15.41 -4.33 -6.59
C TYR A 470 -14.15 -3.76 -7.25
N ALA A 471 -13.40 -4.62 -7.95
CA ALA A 471 -12.20 -4.13 -8.63
C ALA A 471 -12.55 -3.11 -9.70
N HIS A 472 -13.61 -3.38 -10.48
CA HIS A 472 -14.02 -2.41 -11.49
C HIS A 472 -14.48 -1.10 -10.86
N GLN A 473 -15.19 -1.17 -9.73
CA GLN A 473 -15.64 0.05 -9.07
C GLN A 473 -14.48 0.83 -8.48
N ILE A 474 -13.47 0.13 -7.97
CA ILE A 474 -12.31 0.81 -7.40
C ILE A 474 -11.52 1.52 -8.49
N GLU A 475 -11.17 0.80 -9.55
CA GLU A 475 -10.26 1.33 -10.56
C GLU A 475 -10.97 2.20 -11.60
N HIS A 476 -12.20 2.64 -11.31
CA HIS A 476 -12.92 3.55 -12.19
C HIS A 476 -13.52 4.70 -11.40
N ASP A 477 -12.83 5.17 -10.36
CA ASP A 477 -13.33 6.22 -9.49
C ASP A 477 -12.71 7.55 -9.91
N LYS A 478 -13.57 8.55 -10.16
CA LYS A 478 -13.09 9.86 -10.52
C LYS A 478 -12.46 10.59 -9.35
N THR A 479 -12.91 10.30 -8.13
CA THR A 479 -12.33 10.91 -6.94
C THR A 479 -10.97 10.28 -6.60
N ILE A 480 -10.70 9.08 -7.08
CA ILE A 480 -9.39 8.43 -6.93
C ILE A 480 -8.88 8.13 -8.33
N PRO A 481 -8.35 9.11 -9.06
CA PRO A 481 -7.92 8.87 -10.44
C PRO A 481 -6.69 7.98 -10.50
N GLU A 482 -6.60 7.22 -11.60
CA GLU A 482 -5.42 6.41 -11.94
C GLU A 482 -5.06 5.44 -10.83
N THR A 483 -6.07 4.75 -10.30
CA THR A 483 -5.87 3.71 -9.32
C THR A 483 -6.03 2.34 -9.96
N ILE A 484 -5.16 1.41 -9.57
CA ILE A 484 -5.00 0.12 -10.24
C ILE A 484 -5.16 -0.98 -9.20
N VAL A 485 -6.02 -1.95 -9.48
CA VAL A 485 -6.17 -3.12 -8.64
C VAL A 485 -5.35 -4.24 -9.27
N ARG A 486 -4.34 -4.72 -8.54
CA ARG A 486 -3.42 -5.72 -9.06
C ARG A 486 -3.61 -7.09 -8.42
N THR A 487 -4.32 -7.16 -7.29
CA THR A 487 -4.77 -8.42 -6.71
C THR A 487 -6.25 -8.27 -6.44
N SER A 488 -7.07 -8.90 -7.29
CA SER A 488 -8.52 -8.77 -7.20
C SER A 488 -9.15 -9.75 -6.23
N THR A 489 -8.37 -10.62 -5.60
CA THR A 489 -8.91 -11.58 -4.66
C THR A 489 -9.17 -11.00 -3.28
N ILE A 490 -8.63 -9.82 -2.96
CA ILE A 490 -8.82 -9.23 -1.64
C ILE A 490 -9.24 -7.76 -1.70
N PRO A 491 -10.38 -7.41 -2.31
CA PRO A 491 -10.83 -6.01 -2.23
C PRO A 491 -11.61 -5.70 -0.95
N GLU A 492 -11.80 -6.66 -0.06
CA GLU A 492 -12.57 -6.45 1.16
C GLU A 492 -11.73 -6.46 2.42
N ASP A 493 -10.44 -6.80 2.34
CA ASP A 493 -9.56 -6.55 3.47
C ASP A 493 -9.34 -5.07 3.71
N LEU A 494 -9.58 -4.24 2.70
CA LEU A 494 -9.48 -2.80 2.86
C LEU A 494 -10.52 -2.26 3.84
N GLY A 495 -11.58 -3.01 4.10
CA GLY A 495 -12.67 -2.54 4.92
C GLY A 495 -12.57 -2.86 6.39
N ARG A 496 -11.67 -3.77 6.74
CA ARG A 496 -11.38 -4.05 8.15
C ARG A 496 -9.87 -3.99 8.30
N ILE A 497 -9.35 -2.78 8.46
CA ILE A 497 -7.93 -2.54 8.71
C ILE A 497 -7.82 -1.86 10.07
N GLU A 498 -7.05 -2.46 10.96
CA GLU A 498 -6.85 -1.92 12.30
C GLU A 498 -5.50 -1.26 12.47
N TYR A 499 -4.48 -1.71 11.76
CA TYR A 499 -3.15 -1.12 11.84
C TYR A 499 -2.71 -0.69 10.45
N LEU A 500 -2.24 0.55 10.35
CA LEU A 500 -1.68 1.09 9.12
C LEU A 500 -0.19 1.32 9.34
N LEU A 501 0.63 0.75 8.46
CA LEU A 501 2.08 0.91 8.52
C LEU A 501 2.45 1.84 7.37
N SER A 502 2.50 3.14 7.65
CA SER A 502 2.80 4.11 6.61
C SER A 502 4.30 4.22 6.40
N ASP A 503 4.68 5.14 5.53
CA ASP A 503 6.07 5.38 5.16
C ASP A 503 6.21 6.88 4.95
N LYS A 504 7.44 7.40 5.05
CA LYS A 504 7.63 8.86 5.05
C LYS A 504 8.06 9.41 3.70
N THR A 505 9.19 8.97 3.17
CA THR A 505 9.78 9.60 2.00
C THR A 505 8.98 9.23 0.76
N GLY A 506 8.49 10.22 0.04
CA GLY A 506 7.64 9.96 -1.12
C GLY A 506 6.21 9.60 -0.76
N THR A 507 6.03 8.74 0.23
CA THR A 507 4.69 8.38 0.69
C THR A 507 4.02 9.56 1.39
N LEU A 508 4.63 10.06 2.46
CA LEU A 508 4.09 11.22 3.16
C LEU A 508 4.64 12.53 2.61
N THR A 509 5.95 12.62 2.46
CA THR A 509 6.61 13.83 1.99
C THR A 509 6.70 13.86 0.48
N GLN A 510 6.88 15.06 -0.06
CA GLN A 510 7.11 15.24 -1.49
C GLN A 510 8.58 15.10 -1.86
N ASN A 511 9.47 14.90 -0.87
CA ASN A 511 10.92 14.88 -1.06
C ASN A 511 11.42 16.18 -1.67
N ASP A 512 10.76 17.29 -1.33
CA ASP A 512 11.09 18.62 -1.83
C ASP A 512 11.08 19.58 -0.65
N MET A 513 12.21 19.72 0.04
CA MET A 513 12.29 20.65 1.15
C MET A 513 12.53 22.07 0.65
N GLN A 514 12.09 23.03 1.45
CA GLN A 514 12.12 24.43 1.05
C GLN A 514 12.20 25.29 2.30
N LEU A 515 13.04 26.32 2.25
CA LEU A 515 13.17 27.25 3.38
C LEU A 515 11.89 28.07 3.45
N LYS A 516 10.98 27.67 4.34
CA LYS A 516 9.69 28.35 4.43
C LYS A 516 9.82 29.67 5.16
N LYS A 517 10.59 29.71 6.24
CA LYS A 517 10.58 30.84 7.15
C LYS A 517 11.98 31.18 7.60
N ILE A 518 12.28 32.47 7.67
CA ILE A 518 13.52 32.98 8.23
C ILE A 518 13.14 33.92 9.37
N HIS A 519 13.90 33.87 10.46
CA HIS A 519 13.58 34.64 11.65
C HIS A 519 14.85 35.23 12.25
N LEU A 520 14.76 36.49 12.65
CA LEU A 520 15.90 37.22 13.21
C LEU A 520 15.40 38.50 13.85
N GLY A 521 16.02 38.87 14.97
CA GLY A 521 15.69 40.13 15.62
C GLY A 521 14.23 40.25 16.02
N THR A 522 13.65 39.14 16.45
CA THR A 522 12.24 39.00 16.82
C THR A 522 11.28 39.37 15.69
N VAL A 523 11.73 39.38 14.44
CA VAL A 523 10.84 39.54 13.30
C VAL A 523 11.16 38.46 12.27
N SER A 524 10.16 38.13 11.45
CA SER A 524 10.26 36.98 10.57
C SER A 524 9.83 37.35 9.16
N TYR A 525 10.43 36.67 8.18
CA TYR A 525 10.00 36.71 6.80
C TYR A 525 9.67 35.29 6.35
N THR A 526 8.79 35.19 5.37
CA THR A 526 8.28 33.90 4.91
C THR A 526 8.37 33.94 3.37
N SER A 527 7.91 32.89 2.70
CA SER A 527 7.75 32.95 1.24
C SER A 527 6.86 34.11 0.86
N GLU A 528 5.79 34.33 1.62
CA GLU A 528 5.02 35.55 1.50
C GLU A 528 5.86 36.74 1.97
N THR A 529 5.68 37.89 1.29
CA THR A 529 6.43 39.11 1.52
C THR A 529 7.94 38.86 1.38
N LEU A 530 8.33 38.37 0.20
CA LEU A 530 9.72 38.20 -0.15
C LEU A 530 10.29 39.41 -0.90
N ASP A 531 9.46 40.40 -1.19
CA ASP A 531 9.95 41.59 -1.88
C ASP A 531 10.72 42.51 -0.94
N ILE A 532 10.34 42.56 0.33
CA ILE A 532 11.03 43.41 1.31
C ILE A 532 12.47 42.93 1.48
N VAL A 533 12.65 41.63 1.69
CA VAL A 533 13.99 41.08 1.83
C VAL A 533 14.76 41.19 0.51
N SER A 534 14.05 41.21 -0.63
CA SER A 534 14.69 41.39 -1.92
C SER A 534 15.26 42.80 -2.06
N ASP A 535 14.47 43.82 -1.71
CA ASP A 535 15.00 45.18 -1.79
C ASP A 535 16.01 45.44 -0.68
N TYR A 536 16.00 44.64 0.39
CA TYR A 536 17.08 44.71 1.36
C TYR A 536 18.39 44.19 0.78
N VAL A 537 18.36 43.02 0.14
CA VAL A 537 19.61 42.42 -0.33
C VAL A 537 20.12 43.18 -1.56
N GLN A 538 19.22 43.81 -2.34
CA GLN A 538 19.68 44.52 -3.52
C GLN A 538 20.48 45.76 -3.18
N SER A 539 20.43 46.22 -1.93
CA SER A 539 21.21 47.35 -1.47
C SER A 539 22.58 46.95 -0.92
N LEU A 540 22.99 45.70 -1.13
CA LEU A 540 24.29 45.25 -0.65
C LEU A 540 25.42 46.00 -1.34
N VAL A 541 25.28 46.21 -2.66
CA VAL A 541 26.27 46.97 -3.42
C VAL A 541 25.57 48.02 -4.28
N LYS A 560 16.95 50.83 10.29
CA LYS A 560 18.28 51.16 9.81
C LYS A 560 19.22 49.96 9.93
N ASP A 561 19.54 49.60 11.18
CA ASP A 561 20.41 48.45 11.44
C ASP A 561 19.77 47.14 10.97
N MET A 562 18.43 47.11 10.87
CA MET A 562 17.74 45.90 10.44
C MET A 562 18.11 45.53 9.01
N SER A 563 18.26 46.52 8.14
CA SER A 563 18.65 46.25 6.76
C SER A 563 20.03 45.60 6.67
N PHE A 564 20.99 46.12 7.44
CA PHE A 564 22.32 45.53 7.46
C PHE A 564 22.30 44.12 8.04
N ARG A 565 21.49 43.91 9.09
CA ARG A 565 21.37 42.57 9.66
C ARG A 565 20.79 41.60 8.65
N VAL A 566 19.77 42.02 7.90
CA VAL A 566 19.16 41.16 6.88
C VAL A 566 20.18 40.84 5.78
N ARG A 567 20.91 41.86 5.34
CA ARG A 567 21.88 41.67 4.26
C ARG A 567 22.97 40.69 4.69
N ASP A 568 23.48 40.86 5.92
CA ASP A 568 24.56 39.98 6.38
C ASP A 568 24.04 38.59 6.66
N MET A 569 22.78 38.47 7.11
CA MET A 569 22.12 37.18 7.24
C MET A 569 22.07 36.45 5.90
N ILE A 570 21.64 37.15 4.85
CA ILE A 570 21.56 36.54 3.52
C ILE A 570 22.92 36.16 3.01
N LEU A 571 23.92 37.01 3.24
CA LEU A 571 25.28 36.73 2.80
C LEU A 571 25.81 35.46 3.48
N THR A 572 25.59 35.34 4.79
CA THR A 572 26.02 34.15 5.51
C THR A 572 25.26 32.91 5.04
N LEU A 573 23.97 33.06 4.74
CA LEU A 573 23.21 31.93 4.20
C LEU A 573 23.79 31.48 2.86
N ALA A 574 24.19 32.43 2.02
CA ALA A 574 24.67 32.12 0.68
C ALA A 574 26.14 31.74 0.62
N ILE A 575 26.90 31.87 1.70
CA ILE A 575 28.31 31.57 1.69
C ILE A 575 28.66 30.36 2.58
N CYS A 576 27.97 30.20 3.71
CA CYS A 576 28.35 29.19 4.69
C CYS A 576 28.10 27.75 4.23
N HIS A 577 27.37 27.54 3.14
CA HIS A 577 26.89 26.22 2.76
C HIS A 577 28.01 25.38 2.14
N ASN A 578 27.62 24.24 1.57
CA ASN A 578 28.50 23.36 0.80
C ASN A 578 27.82 22.95 -0.50
N VAL A 579 27.24 23.92 -1.20
CA VAL A 579 26.48 23.64 -2.42
C VAL A 579 27.35 23.91 -3.64
N THR A 580 27.40 22.93 -4.55
CA THR A 580 28.14 23.03 -5.79
C THR A 580 27.22 23.43 -6.92
N PRO A 581 27.42 24.56 -7.58
CA PRO A 581 26.58 24.91 -8.72
C PRO A 581 27.22 24.55 -10.06
N THR A 582 26.37 24.12 -10.99
CA THR A 582 26.81 23.88 -12.36
C THR A 582 25.80 24.48 -13.34
N PHE A 583 26.31 24.75 -14.54
CA PHE A 583 25.71 25.69 -15.49
C PHE A 583 25.07 24.96 -16.65
N GLU A 584 23.95 25.50 -17.12
CA GLU A 584 23.28 25.08 -18.34
C GLU A 584 23.09 26.30 -19.23
N ASP A 585 22.27 26.18 -20.27
CA ASP A 585 21.89 27.35 -21.05
C ASP A 585 21.25 28.40 -20.15
N ASP A 586 20.43 27.96 -19.21
CA ASP A 586 19.92 28.80 -18.12
C ASP A 586 19.50 27.85 -16.99
N GLU A 587 18.85 28.39 -15.96
CA GLU A 587 18.32 27.62 -14.84
C GLU A 587 19.44 26.82 -14.16
N LEU A 588 20.33 27.58 -13.54
CA LEU A 588 21.52 27.05 -12.87
C LEU A 588 21.15 25.99 -11.83
N THR A 589 21.97 24.94 -11.74
CA THR A 589 21.65 23.77 -10.95
C THR A 589 22.53 23.71 -9.70
N TYR A 590 21.93 23.27 -8.59
CA TYR A 590 22.61 23.16 -7.30
C TYR A 590 22.76 21.70 -6.89
N GLN A 591 23.89 21.40 -6.25
CA GLN A 591 24.39 20.04 -6.04
C GLN A 591 25.02 19.96 -4.66
N ALA A 592 24.26 19.47 -3.67
CA ALA A 592 24.79 19.28 -2.33
C ALA A 592 24.30 17.96 -1.75
N ALA A 593 25.11 17.41 -0.84
CA ALA A 593 24.76 16.18 -0.13
C ALA A 593 23.80 16.42 1.03
N SER A 594 23.32 17.65 1.19
CA SER A 594 22.34 17.98 2.21
C SER A 594 21.35 18.96 1.58
N PRO A 595 20.17 18.47 1.17
CA PRO A 595 19.26 19.31 0.37
C PRO A 595 18.66 20.48 1.11
N ASP A 596 18.79 20.55 2.43
CA ASP A 596 18.37 21.76 3.14
C ASP A 596 19.27 22.94 2.75
N GLU A 597 20.56 22.69 2.53
CA GLU A 597 21.44 23.72 1.99
C GLU A 597 21.00 24.13 0.58
N ILE A 598 20.52 23.18 -0.21
CA ILE A 598 20.00 23.49 -1.54
C ILE A 598 18.75 24.36 -1.43
N ALA A 599 17.89 24.07 -0.46
CA ALA A 599 16.75 24.95 -0.21
C ALA A 599 17.20 26.34 0.19
N ILE A 600 18.27 26.42 0.99
CA ILE A 600 18.81 27.70 1.40
C ILE A 600 19.30 28.51 0.19
N VAL A 601 20.04 27.86 -0.70
CA VAL A 601 20.61 28.60 -1.83
C VAL A 601 19.53 28.97 -2.84
N LYS A 602 18.52 28.12 -3.01
CA LYS A 602 17.38 28.48 -3.83
C LYS A 602 16.64 29.68 -3.23
N PHE A 603 16.52 29.70 -1.91
CA PHE A 603 15.92 30.84 -1.23
C PHE A 603 16.72 32.12 -1.49
N THR A 604 18.05 32.02 -1.42
CA THR A 604 18.89 33.20 -1.64
C THR A 604 18.75 33.72 -3.06
N GLU A 605 18.71 32.81 -4.04
CA GLU A 605 18.55 33.28 -5.41
C GLU A 605 17.14 33.84 -5.65
N SER A 606 16.13 33.32 -4.95
CA SER A 606 14.80 33.88 -5.09
C SER A 606 14.74 35.28 -4.49
N VAL A 607 15.44 35.49 -3.38
CA VAL A 607 15.52 36.83 -2.80
C VAL A 607 16.35 37.75 -3.69
N GLY A 608 17.41 37.24 -4.30
CA GLY A 608 18.13 38.02 -5.30
C GLY A 608 19.62 37.83 -5.40
N LEU A 609 20.27 37.31 -4.36
CA LEU A 609 21.71 37.06 -4.39
C LEU A 609 21.90 35.56 -4.63
N SER A 610 22.38 35.21 -5.81
CA SER A 610 22.45 33.82 -6.25
C SER A 610 23.86 33.27 -6.11
N LEU A 611 23.96 32.00 -5.74
CA LEU A 611 25.22 31.28 -5.82
C LEU A 611 25.64 31.10 -7.27
N PHE A 612 26.94 31.24 -7.53
CA PHE A 612 27.53 30.95 -8.83
C PHE A 612 28.88 30.28 -8.59
N LYS A 613 29.74 30.33 -9.61
CA LYS A 613 30.96 29.54 -9.73
C LYS A 613 31.68 29.33 -8.40
N ARG A 614 31.86 28.06 -8.05
CA ARG A 614 32.53 27.67 -6.81
C ARG A 614 33.58 26.62 -7.14
N ASP A 615 34.79 26.82 -6.62
CA ASP A 615 35.86 25.87 -6.86
C ASP A 615 35.68 24.63 -5.99
N ARG A 616 35.60 24.83 -4.67
CA ARG A 616 35.35 23.81 -3.65
C ARG A 616 36.55 22.89 -3.47
N HIS A 617 37.57 23.06 -4.32
CA HIS A 617 38.88 22.46 -4.11
C HIS A 617 39.93 23.53 -3.84
N SER A 618 40.04 24.53 -4.71
CA SER A 618 40.73 25.76 -4.39
C SER A 618 39.75 26.69 -3.69
N ILE A 619 40.10 27.96 -3.54
CA ILE A 619 39.34 28.88 -2.69
C ILE A 619 38.71 29.96 -3.58
N SER A 620 37.40 29.83 -3.81
CA SER A 620 36.67 30.79 -4.64
C SER A 620 35.17 30.60 -4.46
N LEU A 621 34.44 31.70 -4.57
CA LEU A 621 32.98 31.72 -4.59
C LEU A 621 32.53 32.92 -5.41
N LEU A 622 31.51 32.73 -6.24
CA LEU A 622 30.95 33.81 -7.04
C LEU A 622 29.48 34.01 -6.67
N HIS A 623 29.04 35.27 -6.63
CA HIS A 623 27.68 35.60 -6.22
C HIS A 623 27.26 36.86 -6.94
N GLU A 624 26.29 36.78 -7.85
CA GLU A 624 25.84 37.98 -8.53
C GLU A 624 24.36 38.25 -8.25
N HIS A 625 24.01 39.53 -8.23
CA HIS A 625 22.66 40.00 -7.95
C HIS A 625 22.32 41.06 -8.99
N SER A 626 21.33 41.90 -8.67
CA SER A 626 20.93 42.97 -9.58
C SER A 626 22.06 43.95 -9.86
N GLY A 627 23.07 43.99 -8.99
CA GLY A 627 24.23 44.84 -9.21
C GLY A 627 25.40 44.11 -9.85
N LYS A 628 26.53 44.09 -9.17
CA LYS A 628 27.79 43.58 -9.70
C LYS A 628 28.12 42.24 -9.07
N THR A 629 28.82 41.39 -9.84
CA THR A 629 29.19 40.06 -9.40
C THR A 629 30.29 40.14 -8.35
N LEU A 630 29.97 39.74 -7.11
CA LEU A 630 30.93 39.75 -6.02
C LEU A 630 31.81 38.51 -6.10
N ASN A 631 32.68 38.33 -5.09
CA ASN A 631 33.55 37.18 -4.99
C ASN A 631 34.04 37.07 -3.57
N TYR A 632 34.00 35.87 -3.01
CA TYR A 632 34.44 35.64 -1.64
C TYR A 632 35.27 34.36 -1.63
N GLU A 633 36.60 34.50 -1.68
CA GLU A 633 37.45 33.33 -1.55
C GLU A 633 37.40 32.84 -0.11
N ILE A 634 37.16 31.53 0.07
CA ILE A 634 37.08 30.98 1.41
C ILE A 634 38.48 30.85 1.99
N LEU A 635 38.57 30.82 3.31
CA LEU A 635 39.84 30.56 3.97
C LEU A 635 39.92 29.15 4.51
N GLN A 636 38.83 28.65 5.08
CA GLN A 636 38.78 27.28 5.60
C GLN A 636 37.33 26.85 5.72
N VAL A 637 37.12 25.53 5.65
CA VAL A 637 35.80 24.94 5.82
C VAL A 637 35.92 23.74 6.75
N PHE A 638 34.98 23.62 7.68
CA PHE A 638 34.92 22.46 8.55
C PHE A 638 33.75 21.60 8.13
N PRO A 639 33.98 20.36 7.67
CA PRO A 639 32.90 19.57 7.08
C PRO A 639 31.81 19.23 8.09
N PHE A 640 30.58 19.15 7.59
CA PHE A 640 29.46 18.72 8.40
C PHE A 640 29.69 17.30 8.88
N ASN A 641 29.46 17.06 10.17
CA ASN A 641 29.67 15.76 10.77
C ASN A 641 28.44 15.35 11.55
N SER A 642 28.20 14.04 11.61
CA SER A 642 26.99 13.54 12.27
C SER A 642 27.02 13.74 13.77
N ASP A 643 28.21 13.84 14.36
CA ASP A 643 28.36 14.04 15.80
C ASP A 643 28.60 15.50 16.18
N SER A 644 28.56 16.42 15.22
CA SER A 644 28.83 17.81 15.47
C SER A 644 27.65 18.73 15.26
N LYS A 645 26.75 18.39 14.33
CA LYS A 645 25.56 19.19 13.99
C LYS A 645 25.90 20.59 13.52
N ARG A 646 27.09 20.81 12.96
CA ARG A 646 27.54 22.15 12.62
C ARG A 646 28.26 22.17 11.29
N MET A 647 28.16 23.30 10.60
CA MET A 647 28.95 23.60 9.41
C MET A 647 29.51 25.00 9.56
N GLY A 648 30.83 25.12 9.58
CA GLY A 648 31.48 26.39 9.80
C GLY A 648 32.51 26.69 8.72
N ILE A 649 32.65 27.98 8.43
CA ILE A 649 33.58 28.47 7.41
C ILE A 649 34.30 29.70 7.92
N ILE A 650 35.48 29.93 7.33
CA ILE A 650 36.18 31.20 7.38
C ILE A 650 36.39 31.63 5.94
N VAL A 651 35.99 32.87 5.62
CA VAL A 651 35.90 33.33 4.24
C VAL A 651 36.54 34.72 4.16
N ARG A 652 37.13 35.02 3.00
CA ARG A 652 37.79 36.29 2.74
C ARG A 652 37.04 37.03 1.64
N ASP A 653 36.58 38.25 1.94
CA ASP A 653 35.92 39.06 0.94
C ASP A 653 36.93 39.65 -0.03
N GLU A 654 36.54 39.74 -1.30
CA GLU A 654 37.43 40.31 -2.31
C GLU A 654 37.38 41.84 -2.31
N GLN A 655 36.17 42.41 -2.25
CA GLN A 655 36.03 43.85 -2.42
C GLN A 655 36.49 44.61 -1.19
N LEU A 656 36.14 44.13 0.00
CA LEU A 656 36.42 44.86 1.24
C LEU A 656 37.57 44.28 2.04
N ASP A 657 38.01 43.06 1.72
CA ASP A 657 39.14 42.39 2.37
C ASP A 657 38.88 42.28 3.87
N GLU A 658 37.87 41.48 4.21
CA GLU A 658 37.48 41.25 5.60
C GLU A 658 37.39 39.74 5.85
N TYR A 659 37.99 39.29 6.94
CA TYR A 659 37.91 37.89 7.33
C TYR A 659 36.62 37.67 8.10
N TRP A 660 35.86 36.65 7.74
CA TRP A 660 34.60 36.38 8.40
C TRP A 660 34.55 34.92 8.81
N PHE A 661 34.09 34.64 10.02
CA PHE A 661 33.76 33.28 10.43
C PHE A 661 32.26 33.15 10.47
N MET A 662 31.71 32.22 9.71
CA MET A 662 30.28 32.06 9.58
C MET A 662 29.92 30.61 9.85
N GLN A 663 28.97 30.39 10.76
CA GLN A 663 28.65 29.03 11.14
C GLN A 663 27.13 28.86 11.21
N LYS A 664 26.66 27.70 10.76
CA LYS A 664 25.27 27.31 10.93
C LYS A 664 25.22 25.96 11.63
N GLY A 665 24.16 25.72 12.38
CA GLY A 665 24.12 24.49 13.13
C GLY A 665 22.80 24.29 13.84
N ALA A 666 22.72 23.19 14.57
CA ALA A 666 21.51 22.84 15.31
C ALA A 666 21.34 23.77 16.52
N ASP A 667 20.11 23.81 17.03
CA ASP A 667 19.81 24.66 18.17
C ASP A 667 20.57 24.23 19.41
N THR A 668 20.61 22.93 19.67
CA THR A 668 21.16 22.43 20.93
C THR A 668 22.65 22.66 21.05
N VAL A 669 23.37 22.74 19.94
CA VAL A 669 24.82 22.87 19.95
C VAL A 669 25.25 24.33 19.90
N MET A 670 24.63 25.13 19.05
CA MET A 670 24.97 26.55 18.96
C MET A 670 24.30 27.41 20.03
N SER A 671 23.30 26.89 20.74
CA SER A 671 22.62 27.70 21.74
C SER A 671 23.56 28.12 22.86
N LYS A 672 24.42 27.20 23.30
CA LYS A 672 25.36 27.50 24.38
C LYS A 672 26.59 28.25 23.89
N ILE A 673 26.81 28.33 22.58
CA ILE A 673 28.09 28.82 22.07
C ILE A 673 27.96 30.08 21.21
N VAL A 674 26.74 30.50 20.86
CA VAL A 674 26.60 31.58 19.90
C VAL A 674 26.84 32.94 20.56
N GLU A 675 26.09 33.26 21.63
CA GLU A 675 26.09 34.61 22.18
C GLU A 675 25.31 34.55 23.50
N SER A 676 25.12 35.72 24.13
CA SER A 676 24.28 35.88 25.31
C SER A 676 22.88 36.37 24.95
N ASN A 677 22.35 35.93 23.81
CA ASN A 677 21.05 36.35 23.31
C ASN A 677 19.93 36.03 24.30
N ASP A 678 18.77 36.62 24.06
CA ASP A 678 17.60 36.45 24.92
C ASP A 678 16.40 35.81 24.26
N TRP A 679 16.45 35.55 22.94
CA TRP A 679 15.26 35.13 22.22
C TRP A 679 15.44 33.86 21.40
N LEU A 680 16.54 33.13 21.57
CA LEU A 680 16.78 31.97 20.71
C LEU A 680 15.80 30.84 21.03
N GLU A 681 15.81 30.37 22.28
CA GLU A 681 15.09 29.14 22.64
C GLU A 681 13.60 29.25 22.34
N GLU A 682 13.02 30.42 22.57
CA GLU A 682 11.60 30.62 22.33
C GLU A 682 11.25 30.38 20.87
N GLU A 683 11.97 31.02 19.95
CA GLU A 683 11.65 30.87 18.53
C GLU A 683 12.07 29.51 17.98
N THR A 684 13.18 28.94 18.49
CA THR A 684 13.56 27.59 18.07
C THR A 684 12.47 26.59 18.42
N GLY A 685 11.96 26.66 19.66
CA GLY A 685 10.86 25.79 20.03
C GLY A 685 9.59 26.10 19.27
N ASN A 686 9.34 27.39 19.00
CA ASN A 686 8.11 27.80 18.32
C ASN A 686 8.06 27.19 16.92
N MET A 687 9.17 27.25 16.18
CA MET A 687 9.15 26.66 14.85
C MET A 687 9.41 25.15 14.86
N ALA A 688 10.06 24.62 15.89
CA ALA A 688 10.20 23.18 15.99
C ALA A 688 8.87 22.50 16.35
N ARG A 689 7.93 23.25 16.91
CA ARG A 689 6.58 22.75 17.11
C ARG A 689 5.82 22.61 15.80
N GLU A 690 6.34 23.19 14.71
CA GLU A 690 5.75 23.05 13.38
C GLU A 690 6.52 22.09 12.51
N GLY A 691 7.48 21.35 13.06
CA GLY A 691 8.24 20.40 12.30
C GLY A 691 9.23 20.99 11.33
N LEU A 692 9.67 22.23 11.56
CA LEU A 692 10.66 22.86 10.70
C LEU A 692 12.06 22.47 11.15
N ARG A 693 12.90 22.04 10.21
CA ARG A 693 14.28 21.74 10.52
C ARG A 693 15.06 23.02 10.72
N THR A 694 15.17 23.47 11.97
CA THR A 694 15.74 24.77 12.27
C THR A 694 17.27 24.71 12.33
N LEU A 695 17.91 25.70 11.74
CA LEU A 695 19.35 25.91 11.87
C LEU A 695 19.60 27.36 12.27
N VAL A 696 20.45 27.54 13.25
CA VAL A 696 20.82 28.88 13.73
C VAL A 696 22.17 29.25 13.13
N ILE A 697 22.35 30.54 12.87
CA ILE A 697 23.48 31.05 12.12
C ILE A 697 24.16 32.17 12.91
N GLY A 698 25.49 32.11 12.99
CA GLY A 698 26.26 33.08 13.72
C GLY A 698 27.46 33.56 12.91
N ARG A 699 27.90 34.77 13.24
CA ARG A 699 28.94 35.45 12.49
C ARG A 699 29.96 36.08 13.45
N LYS A 700 31.22 36.07 13.04
CA LYS A 700 32.30 36.60 13.86
C LYS A 700 33.31 37.28 12.94
N LYS A 701 33.45 38.60 13.08
CA LYS A 701 34.44 39.34 12.31
C LYS A 701 35.84 39.03 12.83
N LEU A 702 36.77 38.78 11.90
CA LEU A 702 38.14 38.43 12.23
C LEU A 702 39.09 39.34 11.46
N ASN A 703 40.29 39.51 12.02
CA ASN A 703 41.39 40.14 11.30
C ASN A 703 42.44 39.08 10.95
N LYS A 704 43.56 39.55 10.40
CA LYS A 704 44.55 38.62 9.85
C LYS A 704 45.24 37.82 10.95
N LYS A 705 45.72 38.51 11.99
CA LYS A 705 46.69 37.91 12.91
C LYS A 705 46.11 36.70 13.65
N ILE A 706 44.84 36.76 14.04
CA ILE A 706 44.21 35.62 14.66
C ILE A 706 44.07 34.47 13.67
N TYR A 707 43.87 34.78 12.39
CA TYR A 707 43.78 33.71 11.39
C TYR A 707 45.12 33.02 11.20
N GLU A 708 46.22 33.78 11.14
CA GLU A 708 47.51 33.08 11.04
C GLU A 708 47.90 32.40 12.35
N GLN A 709 47.38 32.86 13.49
CA GLN A 709 47.55 32.09 14.73
C GLN A 709 46.81 30.76 14.64
N PHE A 710 45.59 30.78 14.08
CA PHE A 710 44.83 29.55 13.88
C PHE A 710 45.55 28.61 12.92
N GLN A 711 46.05 29.15 11.81
CA GLN A 711 46.68 28.31 10.80
C GLN A 711 48.03 27.76 11.24
N LYS A 712 48.57 28.26 12.36
CA LYS A 712 49.81 27.71 12.90
C LYS A 712 49.65 26.27 13.36
N GLU A 713 48.46 25.87 13.79
CA GLU A 713 48.21 24.50 14.23
C GLU A 713 48.19 23.55 13.05
N ILE A 732 41.99 21.72 20.18
CA ILE A 732 41.75 21.40 18.78
C ILE A 732 40.62 22.28 18.24
N THR A 733 39.39 21.93 18.59
CA THR A 733 38.22 22.68 18.13
C THR A 733 37.85 23.82 19.08
N LYS A 734 38.54 23.95 20.21
CA LYS A 734 38.18 24.98 21.18
C LYS A 734 38.47 26.38 20.63
N TYR A 735 39.58 26.53 19.90
CA TYR A 735 39.98 27.86 19.44
C TYR A 735 39.09 28.36 18.33
N LEU A 736 38.57 27.47 17.49
CA LEU A 736 37.85 27.89 16.30
C LEU A 736 36.45 28.42 16.62
N GLU A 737 35.83 27.96 17.71
CA GLU A 737 34.56 28.49 18.19
C GLU A 737 34.78 29.12 19.56
N HIS A 738 34.77 30.45 19.61
CA HIS A 738 34.92 31.18 20.87
C HIS A 738 33.67 31.98 21.21
N ASP A 739 33.23 32.87 20.33
CA ASP A 739 32.06 33.70 20.57
C ASP A 739 31.57 34.24 19.24
N LEU A 740 30.29 34.06 18.96
CA LEU A 740 29.68 34.44 17.70
C LEU A 740 28.70 35.59 17.94
N GLU A 741 27.99 35.97 16.87
CA GLU A 741 26.87 36.88 16.96
C GLU A 741 25.72 36.27 16.18
N LEU A 742 24.56 36.18 16.82
CA LEU A 742 23.41 35.47 16.27
C LEU A 742 22.78 36.32 15.17
N LEU A 743 23.01 35.93 13.92
CA LEU A 743 22.36 36.63 12.82
C LEU A 743 20.87 36.32 12.77
N GLY A 744 20.50 35.06 13.02
CA GLY A 744 19.11 34.65 12.95
C GLY A 744 19.02 33.14 12.92
N LEU A 745 17.91 32.64 12.38
CA LEU A 745 17.76 31.21 12.22
C LEU A 745 16.81 30.92 11.07
N THR A 746 16.98 29.74 10.48
CA THR A 746 16.29 29.34 9.27
C THR A 746 15.28 28.24 9.57
N GLY A 747 14.09 28.36 9.00
CA GLY A 747 13.12 27.30 9.10
C GLY A 747 12.88 26.62 7.77
N VAL A 748 13.39 25.39 7.63
CA VAL A 748 13.31 24.64 6.38
C VAL A 748 12.26 23.55 6.57
N GLU A 749 11.18 23.62 5.78
CA GLU A 749 10.11 22.65 5.86
C GLU A 749 10.34 21.52 4.87
N ASP A 750 9.86 20.34 5.25
CA ASP A 750 9.80 19.18 4.36
C ASP A 750 8.37 19.11 3.84
N LYS A 751 8.20 19.38 2.54
CA LYS A 751 6.87 19.48 1.97
C LYS A 751 6.16 18.13 2.04
N LEU A 752 4.92 18.17 2.54
CA LEU A 752 4.09 16.98 2.63
C LEU A 752 3.27 16.83 1.36
N GLN A 753 2.81 15.61 1.11
CA GLN A 753 1.94 15.38 -0.03
C GLN A 753 0.57 16.02 0.22
N LYS A 754 -0.26 16.02 -0.81
CA LYS A 754 -1.55 16.69 -0.74
C LYS A 754 -2.44 16.01 0.30
N ASP A 755 -2.87 16.79 1.29
CA ASP A 755 -3.76 16.34 2.36
C ASP A 755 -3.20 15.12 3.10
N VAL A 756 -2.06 15.34 3.75
CA VAL A 756 -1.46 14.27 4.56
C VAL A 756 -1.93 14.36 6.00
N LYS A 757 -1.94 15.56 6.58
CA LYS A 757 -2.37 15.71 7.96
C LYS A 757 -3.86 15.39 8.13
N SER A 758 -4.68 15.84 7.19
CA SER A 758 -6.10 15.49 7.23
C SER A 758 -6.30 13.99 7.04
N SER A 759 -5.53 13.39 6.14
CA SER A 759 -5.64 11.96 5.93
C SER A 759 -5.29 11.19 7.20
N ILE A 760 -4.23 11.60 7.89
CA ILE A 760 -3.85 10.94 9.14
C ILE A 760 -4.91 11.15 10.22
N GLU A 761 -5.48 12.36 10.28
CA GLU A 761 -6.50 12.65 11.28
C GLU A 761 -7.75 11.79 11.08
N LEU A 762 -8.20 11.64 9.84
CA LEU A 762 -9.38 10.81 9.59
C LEU A 762 -9.06 9.33 9.69
N LEU A 763 -7.86 8.89 9.32
CA LEU A 763 -7.54 7.48 9.49
C LEU A 763 -7.36 7.11 10.95
N ARG A 764 -7.02 8.06 11.82
CA ARG A 764 -7.01 7.79 13.25
C ARG A 764 -8.36 8.03 13.91
N ASN A 765 -9.24 8.82 13.28
CA ASN A 765 -10.61 8.93 13.75
C ASN A 765 -11.44 7.69 13.44
N ALA A 766 -10.92 6.79 12.61
CA ALA A 766 -11.61 5.55 12.25
C ALA A 766 -11.01 4.35 12.98
N GLY A 767 -10.17 4.58 13.99
CA GLY A 767 -9.66 3.49 14.79
C GLY A 767 -8.46 2.79 14.23
N ILE A 768 -7.91 3.24 13.11
CA ILE A 768 -6.70 2.65 12.54
C ILE A 768 -5.50 3.30 13.21
N LYS A 769 -4.62 2.48 13.79
CA LYS A 769 -3.44 2.96 14.48
C LYS A 769 -2.32 3.11 13.46
N ILE A 770 -2.08 4.36 13.05
CA ILE A 770 -1.08 4.65 12.03
C ILE A 770 0.30 4.59 12.67
N TRP A 771 1.14 3.69 12.21
CA TRP A 771 2.55 3.74 12.51
C TRP A 771 3.28 4.42 11.34
N MET A 772 4.59 4.58 11.46
CA MET A 772 5.38 5.19 10.40
C MET A 772 6.79 4.62 10.47
N LEU A 773 7.08 3.67 9.58
CA LEU A 773 8.40 3.07 9.49
C LEU A 773 9.12 3.65 8.28
N THR A 774 10.38 4.02 8.48
CA THR A 774 11.12 4.78 7.48
C THR A 774 12.59 4.37 7.54
N GLY A 775 13.25 4.42 6.38
CA GLY A 775 14.69 4.24 6.30
C GLY A 775 15.49 5.53 6.38
N ASP A 776 14.87 6.63 6.77
CA ASP A 776 15.51 7.94 6.79
C ASP A 776 16.15 8.20 8.15
N LYS A 777 16.58 9.44 8.37
CA LYS A 777 17.21 9.84 9.62
C LYS A 777 16.17 10.07 10.70
N VAL A 778 16.65 10.12 11.94
CA VAL A 778 15.77 10.28 13.10
C VAL A 778 15.15 11.68 13.13
N GLU A 779 15.97 12.70 12.92
CA GLU A 779 15.51 14.08 13.08
C GLU A 779 14.48 14.46 12.03
N THR A 780 14.72 14.08 10.77
CA THR A 780 13.76 14.39 9.72
C THR A 780 12.46 13.60 9.92
N ALA A 781 12.55 12.38 10.44
CA ALA A 781 11.34 11.62 10.74
C ALA A 781 10.53 12.30 11.84
N ARG A 782 11.19 12.79 12.89
CA ARG A 782 10.49 13.51 13.94
C ARG A 782 9.86 14.81 13.42
N CYS A 783 10.59 15.53 12.57
CA CYS A 783 10.04 16.76 12.01
C CYS A 783 8.82 16.50 11.14
N VAL A 784 8.88 15.45 10.32
CA VAL A 784 7.73 15.12 9.48
C VAL A 784 6.56 14.65 10.33
N SER A 785 6.84 13.91 11.41
CA SER A 785 5.77 13.47 12.30
C SER A 785 5.09 14.65 12.97
N ILE A 786 5.87 15.65 13.41
CA ILE A 786 5.27 16.81 14.07
C ILE A 786 4.52 17.68 13.07
N SER A 787 5.06 17.85 11.86
CA SER A 787 4.40 18.70 10.88
C SER A 787 3.12 18.06 10.35
N ALA A 788 3.10 16.73 10.23
CA ALA A 788 1.91 16.02 9.80
C ALA A 788 0.94 15.76 10.93
N LYS A 789 1.28 16.19 12.16
CA LYS A 789 0.49 15.97 13.37
C LYS A 789 0.29 14.49 13.65
N LEU A 790 1.25 13.66 13.23
CA LEU A 790 1.36 12.32 13.77
C LEU A 790 1.69 12.36 15.26
N ILE A 791 2.36 13.42 15.70
CA ILE A 791 2.59 13.71 17.11
C ILE A 791 1.95 15.06 17.38
N SER A 792 0.92 15.08 18.22
CA SER A 792 0.11 16.27 18.41
C SER A 792 0.77 17.21 19.43
N ARG A 793 0.03 18.25 19.81
CA ARG A 793 0.52 19.22 20.79
C ARG A 793 0.71 18.55 22.14
N GLY A 794 1.79 18.91 22.82
CA GLY A 794 2.20 18.18 24.01
C GLY A 794 2.57 16.77 23.63
N GLN A 795 2.03 15.79 24.35
CA GLN A 795 2.12 14.37 24.00
C GLN A 795 3.59 13.94 23.92
N TYR A 796 4.20 13.90 25.11
CA TYR A 796 5.62 13.59 25.26
C TYR A 796 6.03 12.35 24.49
N VAL A 797 7.20 12.42 23.85
CA VAL A 797 7.67 11.38 22.93
C VAL A 797 8.90 10.72 23.54
N HIS A 798 8.87 9.41 23.66
CA HIS A 798 10.01 8.65 24.15
C HIS A 798 10.89 8.24 22.97
N THR A 799 12.13 7.87 23.25
CA THR A 799 13.10 7.57 22.19
C THR A 799 14.05 6.48 22.67
N ILE A 800 14.34 5.53 21.78
CA ILE A 800 15.24 4.42 22.09
C ILE A 800 16.32 4.33 21.00
N THR A 801 17.57 4.17 21.42
CA THR A 801 18.67 3.88 20.50
C THR A 801 19.62 2.92 21.22
N LYS A 802 19.65 1.67 20.79
CA LYS A 802 20.41 0.61 21.45
C LYS A 802 21.35 -0.04 20.44
N VAL A 803 22.43 -0.63 20.94
CA VAL A 803 23.33 -1.42 20.12
C VAL A 803 22.60 -2.66 19.59
N ALA A 822 1.24 9.40 25.26
CA ALA A 822 2.63 9.48 24.84
C ALA A 822 2.79 9.12 23.37
N CYS A 823 4.03 8.92 22.95
CA CYS A 823 4.33 8.41 21.61
C CYS A 823 5.57 7.54 21.70
N LEU A 824 6.04 7.09 20.53
CA LEU A 824 7.26 6.30 20.45
C LEU A 824 8.06 6.78 19.25
N LEU A 825 9.38 6.63 19.35
CA LEU A 825 10.26 6.92 18.22
C LEU A 825 11.52 6.08 18.43
N ILE A 826 11.66 5.02 17.65
CA ILE A 826 12.71 4.03 17.87
C ILE A 826 13.60 3.95 16.63
N ASP A 827 14.88 3.65 16.86
CA ASP A 827 15.83 3.47 15.78
C ASP A 827 15.64 2.07 15.20
N GLY A 828 16.29 1.78 14.07
CA GLY A 828 16.15 0.50 13.42
C GLY A 828 16.82 -0.65 14.14
N GLU A 829 18.03 -0.45 14.65
CA GLU A 829 18.73 -1.52 15.34
C GLU A 829 18.04 -1.87 16.65
N SER A 830 17.54 -0.86 17.36
CA SER A 830 16.82 -1.11 18.61
C SER A 830 15.54 -1.91 18.36
N LEU A 831 14.77 -1.52 17.35
CA LEU A 831 13.55 -2.24 17.02
C LEU A 831 13.85 -3.66 16.54
N GLY A 832 14.93 -3.82 15.76
CA GLY A 832 15.32 -5.14 15.32
C GLY A 832 15.70 -6.05 16.46
N MET A 833 16.50 -5.56 17.40
CA MET A 833 16.88 -6.37 18.55
C MET A 833 15.67 -6.67 19.44
N PHE A 834 14.78 -5.69 19.61
CA PHE A 834 13.59 -5.89 20.43
C PHE A 834 12.69 -6.95 19.84
N LEU A 835 12.45 -6.91 18.52
CA LEU A 835 11.64 -7.93 17.89
C LEU A 835 12.38 -9.25 17.76
N LYS A 836 13.71 -9.25 17.84
CA LYS A 836 14.44 -10.51 17.84
C LYS A 836 14.35 -11.21 19.19
N HIS A 837 14.34 -10.44 20.28
CA HIS A 837 14.35 -11.03 21.61
C HIS A 837 13.05 -10.81 22.37
N TYR A 838 12.63 -9.55 22.55
CA TYR A 838 11.47 -9.25 23.39
C TYR A 838 10.24 -8.99 22.51
N GLU A 839 9.67 -10.07 21.99
CA GLU A 839 8.54 -9.93 21.08
C GLU A 839 7.27 -9.53 21.83
N GLN A 840 6.80 -10.40 22.73
CA GLN A 840 5.48 -10.24 23.33
C GLN A 840 5.43 -9.03 24.25
N GLU A 841 6.44 -8.85 25.09
CA GLU A 841 6.42 -7.76 26.07
C GLU A 841 6.45 -6.40 25.37
N PHE A 842 7.41 -6.21 24.46
CA PHE A 842 7.51 -4.94 23.74
C PHE A 842 6.28 -4.70 22.89
N PHE A 843 5.74 -5.74 22.25
CA PHE A 843 4.59 -5.52 21.40
C PHE A 843 3.34 -5.21 22.21
N ASP A 844 3.22 -5.79 23.41
CA ASP A 844 2.10 -5.43 24.28
C ASP A 844 2.28 -4.03 24.85
N VAL A 845 3.53 -3.58 25.00
CA VAL A 845 3.76 -2.19 25.41
C VAL A 845 3.31 -1.23 24.32
N VAL A 846 3.67 -1.52 23.05
CA VAL A 846 3.49 -0.53 21.99
C VAL A 846 2.08 -0.46 21.43
N VAL A 847 1.23 -1.47 21.69
CA VAL A 847 -0.11 -1.44 21.13
C VAL A 847 -1.02 -0.43 21.80
N HIS A 848 -0.65 0.07 22.97
CA HIS A 848 -1.44 1.09 23.65
C HIS A 848 -1.02 2.50 23.30
N LEU A 849 0.21 2.68 22.79
CA LEU A 849 0.63 4.00 22.35
C LEU A 849 -0.13 4.38 21.08
N PRO A 850 -0.45 5.66 20.91
CA PRO A 850 -1.18 6.07 19.70
C PRO A 850 -0.40 5.88 18.41
N THR A 851 0.86 6.29 18.38
CA THR A 851 1.68 6.18 17.19
C THR A 851 3.06 5.66 17.56
N VAL A 852 3.55 4.68 16.81
CA VAL A 852 4.92 4.20 16.91
C VAL A 852 5.66 4.57 15.64
N ILE A 853 6.81 5.21 15.79
CA ILE A 853 7.57 5.74 14.67
C ILE A 853 8.93 5.05 14.67
N ALA A 854 9.29 4.45 13.55
CA ALA A 854 10.57 3.77 13.41
C ALA A 854 11.41 4.46 12.35
N CYS A 855 12.73 4.40 12.55
CA CYS A 855 13.67 5.08 11.68
C CYS A 855 14.81 4.12 11.35
N ARG A 856 15.48 4.39 10.23
CA ARG A 856 16.62 3.61 9.76
C ARG A 856 16.27 2.13 9.64
N CYS A 857 15.12 1.86 9.04
CA CYS A 857 14.58 0.49 9.00
C CYS A 857 15.00 -0.21 7.71
N THR A 858 15.60 -1.38 7.86
CA THR A 858 15.78 -2.28 6.74
C THR A 858 14.40 -2.72 6.23
N PRO A 859 14.26 -3.02 4.94
CA PRO A 859 12.99 -3.61 4.45
C PRO A 859 12.56 -4.84 5.22
N GLN A 860 13.53 -5.68 5.63
CA GLN A 860 13.22 -6.83 6.46
C GLN A 860 12.59 -6.41 7.79
N GLN A 861 13.04 -5.28 8.35
CA GLN A 861 12.49 -4.82 9.61
C GLN A 861 11.03 -4.40 9.48
N LYS A 862 10.69 -3.67 8.41
CA LYS A 862 9.29 -3.30 8.20
C LYS A 862 8.43 -4.52 7.91
N ALA A 863 8.97 -5.47 7.13
CA ALA A 863 8.24 -6.71 6.88
C ALA A 863 7.99 -7.47 8.17
N ASP A 864 9.00 -7.54 9.05
CA ASP A 864 8.84 -8.24 10.32
C ASP A 864 7.89 -7.52 11.24
N VAL A 865 7.87 -6.18 11.21
CA VAL A 865 6.90 -5.44 12.01
C VAL A 865 5.48 -5.77 11.54
N ALA A 866 5.26 -5.81 10.22
CA ALA A 866 3.94 -6.17 9.71
C ALA A 866 3.57 -7.60 10.10
N LEU A 867 4.53 -8.52 10.01
CA LEU A 867 4.28 -9.92 10.40
C LEU A 867 3.93 -10.03 11.88
N VAL A 868 4.65 -9.30 12.73
CA VAL A 868 4.41 -9.37 14.17
C VAL A 868 3.05 -8.76 14.51
N ILE A 869 2.68 -7.66 13.85
CA ILE A 869 1.37 -7.07 14.10
C ILE A 869 0.25 -8.03 13.69
N ARG A 870 0.38 -8.65 12.51
CA ARG A 870 -0.69 -9.54 12.09
C ARG A 870 -0.65 -10.91 12.75
N LYS A 871 0.43 -11.23 13.47
CA LYS A 871 0.50 -12.49 14.20
C LYS A 871 0.07 -12.36 15.66
N MET A 872 0.56 -11.35 16.36
CA MET A 872 0.28 -11.19 17.78
C MET A 872 -1.11 -10.62 18.06
N THR A 873 -1.78 -10.04 17.07
CA THR A 873 -3.14 -9.56 17.25
C THR A 873 -4.17 -10.25 16.37
N GLY A 874 -3.79 -10.84 15.25
CA GLY A 874 -4.77 -11.37 14.33
C GLY A 874 -5.56 -10.31 13.61
N LYS A 875 -5.03 -9.09 13.53
CA LYS A 875 -5.66 -7.99 12.83
C LYS A 875 -5.07 -7.88 11.42
N ARG A 876 -5.69 -7.01 10.61
CA ARG A 876 -5.26 -6.80 9.23
C ARG A 876 -4.35 -5.58 9.17
N VAL A 877 -3.22 -5.74 8.47
CA VAL A 877 -2.18 -4.72 8.41
C VAL A 877 -2.11 -4.18 6.99
N CYS A 878 -2.46 -2.92 6.82
CA CYS A 878 -2.19 -2.24 5.56
C CYS A 878 -0.80 -1.63 5.59
N CYS A 879 -0.17 -1.57 4.41
CA CYS A 879 1.20 -1.07 4.31
C CYS A 879 1.31 -0.27 3.02
N ILE A 880 1.37 1.05 3.15
CA ILE A 880 1.49 1.95 2.01
C ILE A 880 2.92 2.45 1.92
N GLY A 881 3.40 2.59 0.69
CA GLY A 881 4.74 3.09 0.47
C GLY A 881 5.05 3.20 -1.02
N ASP A 882 6.27 3.62 -1.30
CA ASP A 882 6.76 3.64 -2.68
C ASP A 882 8.25 3.36 -2.68
N GLY A 883 8.76 2.86 -3.79
CA GLY A 883 10.16 2.48 -3.79
C GLY A 883 10.37 1.09 -3.25
N GLY A 884 11.49 0.50 -3.64
CA GLY A 884 11.72 -0.90 -3.36
C GLY A 884 12.06 -1.26 -1.93
N ASN A 885 12.30 -0.27 -1.07
CA ASN A 885 12.64 -0.58 0.32
C ASN A 885 11.42 -0.89 1.17
N ASP A 886 10.21 -0.73 0.63
CA ASP A 886 9.00 -1.12 1.35
C ASP A 886 8.18 -2.09 0.51
N VAL A 887 8.84 -2.81 -0.40
CA VAL A 887 8.16 -3.87 -1.14
C VAL A 887 7.90 -5.07 -0.24
N SER A 888 8.91 -5.47 0.55
CA SER A 888 8.73 -6.57 1.49
C SER A 888 7.67 -6.24 2.53
N MET A 889 7.66 -4.99 3.00
CA MET A 889 6.61 -4.52 3.88
C MET A 889 5.25 -4.60 3.21
N ILE A 890 5.20 -4.44 1.89
CA ILE A 890 3.95 -4.53 1.16
C ILE A 890 3.55 -5.98 0.85
N GLN A 891 4.51 -6.83 0.49
CA GLN A 891 4.21 -8.21 0.17
C GLN A 891 3.90 -9.04 1.41
N CYS A 892 4.48 -8.70 2.56
CA CYS A 892 4.22 -9.39 3.80
C CYS A 892 3.08 -8.76 4.59
N ALA A 893 2.38 -7.81 4.01
CA ALA A 893 1.20 -7.24 4.65
C ALA A 893 -0.03 -8.07 4.34
N ASP A 894 -1.18 -7.61 4.82
CA ASP A 894 -2.46 -8.16 4.39
C ASP A 894 -3.07 -7.34 3.26
N VAL A 895 -2.74 -6.06 3.19
CA VAL A 895 -3.02 -5.21 2.03
C VAL A 895 -1.76 -4.43 1.71
N GLY A 896 -1.34 -4.46 0.45
CA GLY A 896 -0.21 -3.67 0.02
C GLY A 896 -0.59 -2.57 -0.94
N VAL A 897 -0.40 -1.32 -0.53
CA VAL A 897 -0.73 -0.17 -1.36
C VAL A 897 0.57 0.50 -1.80
N GLY A 898 0.64 0.87 -3.08
CA GLY A 898 1.80 1.53 -3.62
C GLY A 898 1.44 2.91 -4.14
N ILE A 899 2.47 3.73 -4.33
CA ILE A 899 2.30 5.09 -4.81
C ILE A 899 3.19 5.31 -6.03
N VAL A 900 2.64 6.00 -7.02
CA VAL A 900 3.32 6.34 -8.26
C VAL A 900 3.38 7.86 -8.39
N GLY A 901 3.97 8.32 -9.49
CA GLY A 901 4.05 9.74 -9.80
C GLY A 901 5.46 10.27 -9.96
N LYS A 902 6.47 9.48 -9.59
CA LYS A 902 7.86 9.93 -9.68
C LYS A 902 8.69 8.94 -10.49
N GLU A 903 10.02 9.08 -10.42
CA GLU A 903 10.90 8.26 -11.25
C GLU A 903 10.75 6.78 -10.96
N GLY A 904 10.45 6.41 -9.71
CA GLY A 904 10.35 5.02 -9.34
C GLY A 904 8.91 4.63 -9.00
N LYS A 905 8.50 3.48 -9.54
CA LYS A 905 7.17 2.94 -9.27
C LYS A 905 7.23 1.47 -8.87
N GLN A 906 8.39 0.97 -8.44
CA GLN A 906 8.61 -0.45 -8.28
C GLN A 906 7.84 -1.07 -7.12
N ALA A 907 7.46 -0.28 -6.11
CA ALA A 907 6.61 -0.79 -5.05
C ALA A 907 5.16 -0.91 -5.47
N SER A 908 4.69 0.00 -6.32
CA SER A 908 3.34 -0.11 -6.87
C SER A 908 3.20 -1.31 -7.78
N LEU A 909 4.28 -1.70 -8.47
CA LEU A 909 4.23 -2.87 -9.34
C LEU A 909 4.04 -4.15 -8.52
N ALA A 910 4.73 -4.25 -7.38
CA ALA A 910 4.62 -5.44 -6.55
C ALA A 910 3.47 -5.38 -5.55
N ALA A 911 2.73 -4.28 -5.51
CA ALA A 911 1.71 -4.09 -4.51
C ALA A 911 0.41 -4.81 -4.91
N ASP A 912 -0.57 -4.74 -4.02
CA ASP A 912 -1.91 -5.24 -4.29
C ASP A 912 -2.84 -4.17 -4.85
N PHE A 913 -2.60 -2.91 -4.50
CA PHE A 913 -3.32 -1.76 -5.03
C PHE A 913 -2.30 -0.73 -5.46
N SER A 914 -2.79 0.40 -5.97
CA SER A 914 -1.91 1.46 -6.45
C SER A 914 -2.71 2.75 -6.51
N ILE A 915 -2.20 3.80 -5.87
CA ILE A 915 -2.82 5.11 -5.87
C ILE A 915 -1.75 6.15 -6.14
N THR A 916 -2.18 7.31 -6.67
CA THR A 916 -1.22 8.30 -7.13
C THR A 916 -0.62 9.14 -6.01
N GLN A 917 -1.24 9.19 -4.84
CA GLN A 917 -0.72 9.98 -3.73
C GLN A 917 -1.13 9.31 -2.42
N PHE A 918 -1.06 10.05 -1.32
CA PHE A 918 -1.45 9.53 -0.01
C PHE A 918 -2.89 9.88 0.37
N CYS A 919 -3.44 10.97 -0.18
CA CYS A 919 -4.80 11.35 0.13
C CYS A 919 -5.82 10.33 -0.36
N HIS A 920 -5.46 9.51 -1.34
CA HIS A 920 -6.40 8.55 -1.91
C HIS A 920 -6.63 7.35 -1.02
N LEU A 921 -5.71 7.07 -0.09
CA LEU A 921 -5.86 5.93 0.81
C LEU A 921 -7.08 6.09 1.71
N THR A 922 -7.45 7.33 2.02
CA THR A 922 -8.62 7.58 2.86
C THR A 922 -9.87 6.99 2.23
N GLU A 923 -10.13 7.32 0.97
CA GLU A 923 -11.30 6.78 0.28
C GLU A 923 -11.07 5.38 -0.26
N LEU A 924 -9.82 4.91 -0.32
CA LEU A 924 -9.58 3.50 -0.64
C LEU A 924 -9.92 2.60 0.54
N LEU A 925 -9.78 3.09 1.76
CA LEU A 925 -10.14 2.33 2.95
C LEU A 925 -11.53 2.65 3.49
N LEU A 926 -11.84 3.93 3.68
CA LEU A 926 -13.07 4.30 4.37
C LEU A 926 -14.32 4.14 3.52
N TRP A 927 -14.19 4.06 2.21
CA TRP A 927 -15.40 3.97 1.41
C TRP A 927 -15.42 2.79 0.45
N HIS A 928 -14.30 2.48 -0.19
CA HIS A 928 -14.32 1.37 -1.14
C HIS A 928 -14.21 0.03 -0.44
N GLY A 929 -13.20 -0.13 0.42
CA GLY A 929 -13.04 -1.39 1.10
C GLY A 929 -14.13 -1.68 2.11
N ARG A 930 -14.58 -0.65 2.83
CA ARG A 930 -15.63 -0.85 3.82
C ARG A 930 -16.91 -1.32 3.14
N ASN A 931 -17.28 -0.67 2.04
CA ASN A 931 -18.44 -1.10 1.27
C ASN A 931 -18.22 -2.49 0.69
N SER A 932 -17.00 -2.79 0.26
CA SER A 932 -16.70 -4.11 -0.28
C SER A 932 -16.96 -5.20 0.75
N TYR A 933 -16.45 -5.00 1.97
CA TYR A 933 -16.66 -5.98 3.03
C TYR A 933 -18.13 -6.09 3.41
N LYS A 934 -18.83 -4.97 3.51
CA LYS A 934 -20.23 -5.00 3.89
C LYS A 934 -21.07 -5.73 2.84
N ARG A 935 -20.82 -5.44 1.56
CA ARG A 935 -21.58 -6.09 0.49
C ARG A 935 -21.25 -7.57 0.40
N SER A 936 -19.99 -7.96 0.58
CA SER A 936 -19.67 -9.38 0.55
C SER A 936 -20.30 -10.13 1.72
N ALA A 937 -20.32 -9.52 2.90
CA ALA A 937 -20.97 -10.16 4.04
C ALA A 937 -22.47 -10.33 3.80
N LYS A 938 -23.14 -9.29 3.28
CA LYS A 938 -24.56 -9.40 3.00
C LYS A 938 -24.86 -10.39 1.89
N LEU A 939 -23.97 -10.46 0.89
CA LEU A 939 -24.08 -11.46 -0.16
C LEU A 939 -24.01 -12.87 0.39
N ALA A 940 -23.03 -13.14 1.26
CA ALA A 940 -22.92 -14.47 1.87
C ALA A 940 -24.15 -14.77 2.72
N GLN A 941 -24.65 -13.77 3.44
CA GLN A 941 -25.87 -13.92 4.22
C GLN A 941 -27.03 -14.39 3.34
N PHE A 942 -27.25 -13.71 2.21
CA PHE A 942 -28.42 -14.02 1.39
C PHE A 942 -28.27 -15.36 0.68
N VAL A 943 -27.07 -15.70 0.22
CA VAL A 943 -26.87 -16.99 -0.44
C VAL A 943 -27.12 -18.13 0.53
N MET A 944 -26.53 -18.05 1.73
CA MET A 944 -26.74 -19.09 2.72
C MET A 944 -28.20 -19.13 3.16
N HIS A 945 -28.87 -17.98 3.19
CA HIS A 945 -30.28 -17.97 3.56
C HIS A 945 -31.14 -18.71 2.54
N ARG A 946 -30.92 -18.48 1.25
CA ARG A 946 -31.76 -19.16 0.27
C ARG A 946 -31.50 -20.66 0.25
N GLY A 947 -30.23 -21.06 0.38
CA GLY A 947 -29.95 -22.48 0.46
C GLY A 947 -30.56 -23.13 1.68
N LEU A 948 -30.46 -22.46 2.83
CA LEU A 948 -31.03 -23.02 4.05
C LEU A 948 -32.55 -23.06 4.01
N ILE A 949 -33.20 -22.08 3.39
CA ILE A 949 -34.66 -22.09 3.37
C ILE A 949 -35.18 -23.19 2.46
N ILE A 950 -34.51 -23.44 1.31
CA ILE A 950 -34.97 -24.57 0.51
C ILE A 950 -34.68 -25.89 1.22
N ALA A 951 -33.55 -25.98 1.93
CA ALA A 951 -33.27 -27.21 2.69
C ALA A 951 -34.30 -27.44 3.77
N ILE A 952 -34.75 -26.38 4.44
CA ILE A 952 -35.74 -26.52 5.50
C ILE A 952 -37.09 -26.91 4.92
N CYS A 953 -37.47 -26.34 3.77
CA CYS A 953 -38.72 -26.76 3.14
C CYS A 953 -38.69 -28.24 2.78
N GLN A 954 -37.58 -28.71 2.22
CA GLN A 954 -37.47 -30.13 1.88
C GLN A 954 -37.51 -31.01 3.13
N ALA A 955 -36.84 -30.59 4.21
CA ALA A 955 -36.84 -31.40 5.42
C ALA A 955 -38.21 -31.44 6.08
N VAL A 956 -38.94 -30.33 6.04
CA VAL A 956 -40.28 -30.31 6.62
C VAL A 956 -41.23 -31.18 5.79
N TYR A 957 -41.07 -31.16 4.46
CA TYR A 957 -41.85 -32.08 3.64
C TYR A 957 -41.47 -33.53 3.92
N SER A 958 -40.21 -33.80 4.25
CA SER A 958 -39.81 -35.17 4.53
C SER A 958 -40.37 -35.66 5.87
N ILE A 959 -40.38 -34.80 6.90
CA ILE A 959 -40.95 -35.24 8.18
C ILE A 959 -42.46 -35.36 8.08
N CYS A 960 -43.12 -34.43 7.38
CA CYS A 960 -44.58 -34.46 7.31
C CYS A 960 -45.10 -35.52 6.35
N SER A 961 -44.23 -36.09 5.51
CA SER A 961 -44.63 -37.16 4.61
C SER A 961 -43.39 -38.02 4.37
N LEU A 962 -43.46 -39.28 4.74
CA LEU A 962 -42.27 -40.11 4.88
C LEU A 962 -41.61 -40.48 3.55
N PHE A 963 -41.96 -39.91 2.39
CA PHE A 963 -41.37 -40.38 1.13
C PHE A 963 -39.86 -40.14 1.06
N GLU A 964 -39.46 -38.88 0.89
CA GLU A 964 -38.09 -38.38 0.68
C GLU A 964 -38.12 -36.85 0.68
N PRO A 965 -37.02 -36.18 1.02
CA PRO A 965 -36.92 -34.74 0.79
C PRO A 965 -36.54 -34.45 -0.65
N ILE A 966 -35.90 -35.43 -1.30
CA ILE A 966 -35.47 -35.29 -2.69
C ILE A 966 -36.69 -35.17 -3.60
N ALA A 967 -37.73 -35.93 -3.31
CA ALA A 967 -38.94 -35.98 -4.12
C ALA A 967 -39.78 -34.72 -4.05
N LEU A 968 -39.33 -33.64 -3.40
CA LEU A 968 -40.12 -32.41 -3.36
C LEU A 968 -39.85 -31.53 -4.58
N TYR A 969 -38.61 -31.12 -4.77
CA TYR A 969 -38.22 -30.32 -5.92
C TYR A 969 -37.33 -31.18 -6.81
N GLN A 970 -37.89 -31.61 -7.95
CA GLN A 970 -37.18 -32.48 -8.88
C GLN A 970 -37.05 -31.79 -10.23
N GLY A 971 -35.99 -32.14 -10.94
CA GLY A 971 -35.80 -31.67 -12.30
C GLY A 971 -35.54 -30.19 -12.45
N TRP A 972 -36.44 -29.49 -13.15
CA TRP A 972 -36.18 -28.11 -13.50
C TRP A 972 -36.24 -27.18 -12.30
N LEU A 973 -37.15 -27.45 -11.35
CA LEU A 973 -37.44 -26.49 -10.29
C LEU A 973 -36.21 -26.21 -9.43
N MET A 974 -35.47 -27.24 -9.08
CA MET A 974 -34.31 -27.05 -8.20
C MET A 974 -33.20 -26.29 -8.92
N VAL A 975 -32.97 -26.60 -10.20
CA VAL A 975 -31.98 -25.88 -11.00
C VAL A 975 -32.38 -24.42 -11.15
N GLY A 976 -33.67 -24.17 -11.39
CA GLY A 976 -34.12 -22.80 -11.56
C GLY A 976 -34.01 -21.99 -10.29
N TYR A 977 -34.29 -22.62 -9.15
CA TYR A 977 -34.08 -21.91 -7.88
C TYR A 977 -32.61 -21.63 -7.64
N ALA A 978 -31.75 -22.61 -7.93
CA ALA A 978 -30.33 -22.44 -7.68
C ALA A 978 -29.73 -21.34 -8.54
N THR A 979 -30.12 -21.26 -9.81
CA THR A 979 -29.51 -20.31 -10.73
C THR A 979 -30.49 -19.24 -11.23
N CYS A 980 -31.56 -19.63 -11.92
CA CYS A 980 -32.27 -18.67 -12.76
C CYS A 980 -33.11 -17.68 -11.97
N TYR A 981 -33.83 -18.13 -10.95
CA TYR A 981 -34.82 -17.29 -10.31
C TYR A 981 -34.30 -16.53 -9.09
N THR A 982 -33.03 -16.70 -8.72
CA THR A 982 -32.53 -16.10 -7.48
C THR A 982 -31.18 -15.39 -7.59
N MET A 983 -30.35 -15.68 -8.60
CA MET A 983 -28.97 -15.22 -8.55
C MET A 983 -28.81 -13.74 -8.86
N ALA A 984 -29.81 -13.10 -9.48
CA ALA A 984 -29.67 -11.72 -9.88
C ALA A 984 -29.86 -10.71 -8.74
N PRO A 985 -30.85 -10.86 -7.84
CA PRO A 985 -30.95 -9.91 -6.72
C PRO A 985 -29.78 -9.95 -5.74
N VAL A 986 -28.99 -11.01 -5.67
CA VAL A 986 -27.82 -10.99 -4.80
C VAL A 986 -26.77 -10.05 -5.38
N PHE A 987 -26.53 -10.13 -6.69
CA PHE A 987 -25.66 -9.15 -7.33
C PHE A 987 -26.29 -7.76 -7.34
N SER A 988 -27.61 -7.67 -7.20
CA SER A 988 -28.23 -6.38 -6.87
C SER A 988 -27.72 -5.87 -5.53
N LEU A 989 -27.62 -6.74 -4.53
CA LEU A 989 -27.00 -6.33 -3.26
C LEU A 989 -25.54 -5.96 -3.43
N THR A 990 -24.86 -6.52 -4.44
CA THR A 990 -23.45 -6.20 -4.66
C THR A 990 -23.23 -4.73 -5.01
N LEU A 991 -24.26 -4.02 -5.47
CA LEU A 991 -24.14 -2.62 -5.90
C LEU A 991 -24.84 -1.65 -4.94
N ASP A 992 -24.74 -1.89 -3.64
CA ASP A 992 -25.42 -1.05 -2.66
C ASP A 992 -24.43 -0.48 -1.64
N HIS A 993 -24.73 0.73 -1.17
CA HIS A 993 -23.94 1.40 -0.16
C HIS A 993 -24.86 2.24 0.72
N ASP A 994 -24.46 2.39 1.98
CA ASP A 994 -25.29 3.12 2.94
C ASP A 994 -25.07 4.62 2.85
N ILE A 995 -23.81 5.04 2.87
CA ILE A 995 -23.46 6.46 2.80
C ILE A 995 -22.66 6.70 1.52
N GLU A 996 -22.87 7.86 0.92
CA GLU A 996 -22.24 8.20 -0.35
C GLU A 996 -20.76 8.50 -0.15
N GLU A 997 -20.04 8.56 -1.26
CA GLU A 997 -18.61 8.86 -1.22
C GLU A 997 -18.32 10.29 -0.81
N SER A 998 -19.28 11.20 -1.00
CA SER A 998 -19.08 12.59 -0.61
C SER A 998 -19.07 12.77 0.91
N LEU A 999 -19.61 11.82 1.66
CA LEU A 999 -19.69 11.91 3.12
C LEU A 999 -18.85 10.86 3.83
N THR A 1000 -17.86 10.29 3.15
CA THR A 1000 -16.93 9.40 3.84
C THR A 1000 -15.86 10.15 4.62
N LYS A 1001 -15.81 11.47 4.49
CA LYS A 1001 -14.89 12.30 5.24
C LYS A 1001 -15.49 12.75 6.57
N ILE A 1002 -16.78 13.10 6.56
CA ILE A 1002 -17.42 13.62 7.76
C ILE A 1002 -17.59 12.52 8.81
N TYR A 1003 -17.78 11.27 8.37
CA TYR A 1003 -18.08 10.14 9.27
C TYR A 1003 -17.02 9.06 9.12
N PRO A 1004 -15.86 9.22 9.74
CA PRO A 1004 -14.89 8.11 9.78
C PRO A 1004 -15.26 7.02 10.76
N GLU A 1005 -16.08 7.33 11.78
CA GLU A 1005 -16.40 6.37 12.82
C GLU A 1005 -17.22 5.20 12.31
N LEU A 1006 -17.82 5.33 11.12
CA LEU A 1006 -18.48 4.18 10.50
C LEU A 1006 -17.49 3.04 10.29
N TYR A 1007 -16.24 3.37 9.96
CA TYR A 1007 -15.21 2.35 9.83
C TYR A 1007 -14.98 1.61 11.14
N LYS A 1008 -15.32 2.22 12.27
CA LYS A 1008 -15.20 1.56 13.55
C LYS A 1008 -16.31 0.54 13.79
N GLU A 1009 -17.45 0.67 13.10
CA GLU A 1009 -18.57 -0.21 13.43
C GLU A 1009 -18.41 -1.62 12.89
N LEU A 1010 -17.40 -1.89 12.07
CA LEU A 1010 -17.12 -3.23 11.57
C LEU A 1010 -15.98 -3.88 12.32
N THR A 1011 -15.56 -3.31 13.45
CA THR A 1011 -14.34 -3.77 14.12
C THR A 1011 -14.53 -5.14 14.74
N GLU A 1012 -15.71 -5.39 15.33
CA GLU A 1012 -15.92 -6.61 16.10
C GLU A 1012 -15.95 -7.85 15.22
N GLY A 1013 -16.70 -7.79 14.13
CA GLY A 1013 -16.95 -8.96 13.31
C GLY A 1013 -18.38 -9.42 13.46
N LYS A 1014 -19.29 -8.46 13.65
CA LYS A 1014 -20.70 -8.74 13.84
C LYS A 1014 -21.47 -8.92 12.53
N SER A 1015 -20.76 -9.18 11.44
CA SER A 1015 -21.38 -9.43 10.15
C SER A 1015 -21.31 -10.88 9.71
N LEU A 1016 -20.17 -11.54 9.92
CA LEU A 1016 -20.01 -12.97 9.65
C LEU A 1016 -19.43 -13.60 10.91
N SER A 1017 -20.30 -13.92 11.85
CA SER A 1017 -19.91 -14.56 13.10
C SER A 1017 -20.81 -15.76 13.32
N TYR A 1018 -20.43 -16.57 14.31
CA TYR A 1018 -21.24 -17.75 14.63
C TYR A 1018 -22.62 -17.36 15.10
N LYS A 1019 -22.71 -16.30 15.90
CA LYS A 1019 -24.00 -15.85 16.41
C LYS A 1019 -24.93 -15.39 15.28
N THR A 1020 -24.42 -14.57 14.36
CA THR A 1020 -25.28 -14.11 13.28
C THR A 1020 -25.53 -15.19 12.25
N PHE A 1021 -24.61 -16.15 12.10
CA PHE A 1021 -24.90 -17.31 11.26
C PHE A 1021 -26.05 -18.13 11.84
N PHE A 1022 -26.05 -18.32 13.16
CA PHE A 1022 -27.14 -19.07 13.76
C PHE A 1022 -28.44 -18.27 13.80
N VAL A 1023 -28.36 -16.94 13.81
CA VAL A 1023 -29.55 -16.14 13.63
C VAL A 1023 -30.12 -16.34 12.23
N TRP A 1024 -29.24 -16.40 11.22
CA TRP A 1024 -29.69 -16.72 9.86
C TRP A 1024 -30.31 -18.11 9.80
N VAL A 1025 -29.69 -19.08 10.48
CA VAL A 1025 -30.19 -20.44 10.49
C VAL A 1025 -31.57 -20.50 11.14
N LEU A 1026 -31.76 -19.79 12.26
CA LEU A 1026 -33.06 -19.75 12.91
C LEU A 1026 -34.11 -19.04 12.06
N LEU A 1027 -33.73 -17.97 11.37
CA LEU A 1027 -34.67 -17.31 10.46
C LEU A 1027 -35.06 -18.24 9.32
N SER A 1028 -34.10 -19.01 8.80
CA SER A 1028 -34.41 -19.98 7.77
C SER A 1028 -35.32 -21.08 8.30
N LEU A 1029 -35.05 -21.56 9.52
CA LEU A 1029 -35.93 -22.54 10.16
C LEU A 1029 -37.36 -22.01 10.22
N PHE A 1030 -37.53 -20.80 10.76
CA PHE A 1030 -38.87 -20.23 10.90
C PHE A 1030 -39.55 -20.09 9.55
N GLN A 1031 -38.87 -19.47 8.58
CA GLN A 1031 -39.54 -19.13 7.32
C GLN A 1031 -39.78 -20.37 6.47
N GLY A 1032 -38.81 -21.29 6.40
CA GLY A 1032 -39.03 -22.51 5.66
C GLY A 1032 -40.12 -23.38 6.26
N SER A 1033 -40.16 -23.45 7.60
CA SER A 1033 -41.24 -24.17 8.26
C SER A 1033 -42.59 -23.54 7.96
N VAL A 1034 -42.68 -22.21 8.00
CA VAL A 1034 -43.93 -21.53 7.68
C VAL A 1034 -44.34 -21.84 6.24
N ILE A 1035 -43.41 -21.70 5.30
CA ILE A 1035 -43.73 -21.93 3.89
C ILE A 1035 -44.25 -23.34 3.67
N GLN A 1036 -43.48 -24.34 4.14
CA GLN A 1036 -43.86 -25.72 3.86
C GLN A 1036 -45.12 -26.12 4.59
N LEU A 1037 -45.25 -25.76 5.86
CA LEU A 1037 -46.39 -26.21 6.64
C LEU A 1037 -47.68 -25.49 6.23
N PHE A 1038 -47.61 -24.20 5.90
CA PHE A 1038 -48.80 -23.53 5.41
C PHE A 1038 -49.16 -23.99 4.01
N SER A 1039 -48.18 -24.37 3.19
CA SER A 1039 -48.49 -24.98 1.90
C SER A 1039 -49.23 -26.29 2.09
N GLN A 1040 -48.76 -27.12 3.03
CA GLN A 1040 -49.44 -28.38 3.30
C GLN A 1040 -50.84 -28.15 3.88
N ALA A 1041 -51.00 -27.11 4.69
CA ALA A 1041 -52.30 -26.83 5.28
C ALA A 1041 -53.30 -26.34 4.25
N PHE A 1042 -52.89 -25.45 3.35
CA PHE A 1042 -53.82 -24.93 2.35
C PHE A 1042 -54.08 -25.92 1.23
N THR A 1043 -53.10 -26.73 0.85
CA THR A 1043 -53.26 -27.63 -0.30
C THR A 1043 -53.73 -29.02 0.08
N SER A 1044 -53.83 -29.34 1.37
CA SER A 1044 -54.37 -30.61 1.86
C SER A 1044 -53.60 -31.80 1.26
N LEU A 1045 -52.36 -31.92 1.72
CA LEU A 1045 -51.37 -32.86 1.21
C LEU A 1045 -51.93 -34.27 1.00
N LEU A 1046 -51.79 -34.76 -0.22
CA LEU A 1046 -52.05 -36.13 -0.61
C LEU A 1046 -51.08 -36.49 -1.72
N ASP A 1047 -51.36 -37.58 -2.44
CA ASP A 1047 -50.58 -37.92 -3.63
C ASP A 1047 -51.16 -37.30 -4.90
N THR A 1048 -52.32 -36.67 -4.83
CA THR A 1048 -52.89 -35.96 -5.96
C THR A 1048 -52.77 -34.45 -5.83
N ASP A 1049 -52.63 -33.94 -4.61
CA ASP A 1049 -52.41 -32.51 -4.37
C ASP A 1049 -50.94 -32.16 -4.30
N PHE A 1050 -50.06 -33.09 -4.70
CA PHE A 1050 -48.62 -32.84 -4.63
C PHE A 1050 -48.19 -31.70 -5.54
N THR A 1051 -48.74 -31.64 -6.76
CA THR A 1051 -48.34 -30.62 -7.71
C THR A 1051 -48.73 -29.22 -7.23
N ARG A 1052 -49.96 -29.06 -6.74
CA ARG A 1052 -50.39 -27.76 -6.24
C ARG A 1052 -49.60 -27.36 -4.99
N MET A 1053 -49.29 -28.33 -4.14
CA MET A 1053 -48.53 -28.06 -2.93
C MET A 1053 -47.12 -27.59 -3.25
N VAL A 1054 -46.43 -28.31 -4.15
CA VAL A 1054 -45.08 -27.88 -4.52
C VAL A 1054 -45.11 -26.58 -5.31
N ALA A 1055 -46.20 -26.32 -6.04
CA ALA A 1055 -46.33 -25.06 -6.76
C ALA A 1055 -46.40 -23.88 -5.79
N ILE A 1056 -47.29 -23.97 -4.80
CA ILE A 1056 -47.42 -22.86 -3.85
C ILE A 1056 -46.16 -22.74 -3.00
N SER A 1057 -45.50 -23.86 -2.67
CA SER A 1057 -44.27 -23.80 -1.91
C SER A 1057 -43.16 -23.09 -2.69
N PHE A 1058 -42.99 -23.44 -3.97
CA PHE A 1058 -41.93 -22.84 -4.77
C PHE A 1058 -42.20 -21.36 -5.04
N THR A 1059 -43.46 -21.01 -5.33
CA THR A 1059 -43.77 -19.59 -5.54
C THR A 1059 -43.56 -18.79 -4.27
N ALA A 1060 -43.94 -19.36 -3.12
CA ALA A 1060 -43.68 -18.70 -1.84
C ALA A 1060 -42.19 -18.50 -1.62
N LEU A 1061 -41.38 -19.51 -1.92
CA LEU A 1061 -39.93 -19.37 -1.79
C LEU A 1061 -39.39 -18.23 -2.65
N VAL A 1062 -39.80 -18.19 -3.92
CA VAL A 1062 -39.24 -17.21 -4.85
C VAL A 1062 -39.64 -15.80 -4.43
N VAL A 1063 -40.92 -15.58 -4.15
CA VAL A 1063 -41.33 -14.23 -3.77
C VAL A 1063 -40.78 -13.87 -2.40
N ASN A 1064 -40.58 -14.84 -1.52
CA ASN A 1064 -39.96 -14.57 -0.22
C ASN A 1064 -38.54 -14.06 -0.39
N GLU A 1065 -37.76 -14.70 -1.26
CA GLU A 1065 -36.41 -14.21 -1.51
C GLU A 1065 -36.44 -12.83 -2.16
N LEU A 1066 -37.34 -12.60 -3.11
CA LEU A 1066 -37.38 -11.31 -3.78
C LEU A 1066 -37.89 -10.19 -2.88
N ILE A 1067 -38.61 -10.49 -1.80
CA ILE A 1067 -39.02 -9.46 -0.86
C ILE A 1067 -37.93 -9.24 0.17
N MET A 1068 -37.26 -10.32 0.59
CA MET A 1068 -36.16 -10.16 1.53
C MET A 1068 -34.99 -9.40 0.92
N VAL A 1069 -34.78 -9.53 -0.38
CA VAL A 1069 -33.82 -8.67 -1.07
C VAL A 1069 -34.24 -7.22 -1.01
N ALA A 1070 -35.51 -6.93 -1.31
CA ALA A 1070 -35.96 -5.55 -1.33
C ALA A 1070 -36.09 -4.94 0.05
N LEU A 1071 -36.01 -5.75 1.11
CA LEU A 1071 -36.05 -5.22 2.47
C LEU A 1071 -34.69 -4.72 2.96
N GLU A 1072 -33.59 -5.17 2.35
CA GLU A 1072 -32.25 -4.87 2.82
C GLU A 1072 -31.50 -3.94 1.87
N ILE A 1073 -32.18 -2.92 1.35
CA ILE A 1073 -31.59 -1.95 0.44
C ILE A 1073 -31.66 -0.57 1.10
N TYR A 1074 -30.50 0.09 1.21
CA TYR A 1074 -30.46 1.43 1.79
C TYR A 1074 -30.92 2.48 0.79
N THR A 1075 -30.19 2.62 -0.31
CA THR A 1075 -30.51 3.56 -1.38
C THR A 1075 -30.80 2.78 -2.65
N TRP A 1076 -31.83 3.20 -3.37
CA TRP A 1076 -32.34 2.46 -4.53
C TRP A 1076 -31.81 3.09 -5.81
N ASN A 1077 -30.91 2.37 -6.48
CA ASN A 1077 -30.51 2.76 -7.83
C ASN A 1077 -31.54 2.27 -8.84
N LYS A 1078 -31.23 2.47 -10.12
CA LYS A 1078 -32.01 1.90 -11.20
C LYS A 1078 -31.41 0.60 -11.72
N THR A 1079 -30.25 0.21 -11.23
CA THR A 1079 -29.65 -1.08 -11.54
C THR A 1079 -30.08 -2.16 -10.57
N MET A 1080 -30.91 -1.81 -9.58
CA MET A 1080 -31.47 -2.76 -8.63
C MET A 1080 -32.98 -2.87 -8.71
N LEU A 1081 -33.67 -1.78 -9.03
CA LEU A 1081 -35.11 -1.80 -9.23
C LEU A 1081 -35.52 -2.54 -10.50
N VAL A 1082 -34.59 -2.75 -11.44
CA VAL A 1082 -34.86 -3.46 -12.67
C VAL A 1082 -34.47 -4.92 -12.61
N THR A 1083 -33.40 -5.27 -11.90
CA THR A 1083 -32.97 -6.65 -11.79
C THR A 1083 -33.80 -7.46 -10.80
N GLU A 1084 -34.71 -6.83 -10.06
CA GLU A 1084 -35.71 -7.58 -9.32
C GLU A 1084 -36.96 -7.81 -10.15
N ILE A 1085 -37.43 -6.76 -10.83
CA ILE A 1085 -38.59 -6.90 -11.71
C ILE A 1085 -38.28 -7.84 -12.86
N ALA A 1086 -37.04 -7.81 -13.35
CA ALA A 1086 -36.66 -8.74 -14.42
C ALA A 1086 -36.77 -10.19 -13.96
N THR A 1087 -36.28 -10.50 -12.77
CA THR A 1087 -36.34 -11.86 -12.28
C THR A 1087 -37.77 -12.28 -11.92
N LEU A 1088 -38.54 -11.35 -11.35
CA LEU A 1088 -39.94 -11.64 -11.02
C LEU A 1088 -40.75 -11.93 -12.27
N LEU A 1089 -40.58 -11.12 -13.31
CA LEU A 1089 -41.28 -11.36 -14.57
C LEU A 1089 -40.75 -12.59 -15.27
N PHE A 1090 -39.46 -12.91 -15.12
CA PHE A 1090 -38.93 -14.15 -15.67
C PHE A 1090 -39.58 -15.36 -15.01
N TYR A 1091 -39.78 -15.30 -13.69
CA TYR A 1091 -40.49 -16.38 -13.02
C TYR A 1091 -41.95 -16.44 -13.45
N ILE A 1092 -42.59 -15.28 -13.61
CA ILE A 1092 -44.00 -15.24 -13.98
C ILE A 1092 -44.21 -15.86 -15.36
N VAL A 1093 -43.36 -15.51 -16.32
CA VAL A 1093 -43.54 -15.98 -17.69
C VAL A 1093 -42.78 -17.29 -17.90
N SER A 1094 -42.13 -17.79 -16.86
CA SER A 1094 -41.38 -19.04 -16.95
C SER A 1094 -42.12 -20.22 -16.35
N VAL A 1095 -43.36 -20.05 -15.92
CA VAL A 1095 -44.13 -21.16 -15.37
C VAL A 1095 -44.63 -22.07 -16.50
N PRO A 1096 -45.43 -21.58 -17.49
CA PRO A 1096 -45.96 -22.53 -18.48
C PRO A 1096 -44.93 -22.98 -19.51
N PHE A 1097 -44.15 -22.04 -20.04
CA PHE A 1097 -43.39 -22.30 -21.26
C PHE A 1097 -42.20 -23.22 -21.02
N LEU A 1098 -41.50 -23.04 -19.90
CA LEU A 1098 -40.33 -23.86 -19.60
C LEU A 1098 -40.61 -24.93 -18.56
N GLY A 1099 -41.75 -24.86 -17.90
CA GLY A 1099 -42.12 -25.84 -16.91
C GLY A 1099 -43.22 -26.78 -17.39
N ASP A 1100 -44.45 -26.47 -16.99
CA ASP A 1100 -45.64 -27.23 -17.39
C ASP A 1100 -45.72 -28.68 -16.88
N TYR A 1101 -44.60 -29.27 -16.49
CA TYR A 1101 -44.57 -30.64 -16.02
C TYR A 1101 -44.44 -30.67 -14.51
N PHE A 1102 -43.43 -29.99 -13.99
CA PHE A 1102 -43.28 -29.81 -12.56
C PHE A 1102 -44.23 -28.73 -12.08
N ASP A 1103 -44.65 -28.84 -10.83
CA ASP A 1103 -45.38 -27.76 -10.18
C ASP A 1103 -46.51 -27.20 -11.00
N LEU A 1104 -47.22 -28.05 -11.71
CA LEU A 1104 -48.34 -27.53 -12.48
C LEU A 1104 -49.57 -27.38 -11.59
N GLY A 1105 -50.33 -26.32 -11.85
CA GLY A 1105 -51.51 -26.06 -11.04
C GLY A 1105 -52.44 -25.11 -11.76
N TYR A 1106 -53.60 -24.91 -11.16
CA TYR A 1106 -54.60 -24.01 -11.71
C TYR A 1106 -54.12 -22.56 -11.63
N MET A 1107 -53.85 -22.10 -10.40
CA MET A 1107 -53.19 -20.83 -10.09
C MET A 1107 -54.02 -19.60 -10.45
N THR A 1108 -55.14 -19.79 -11.12
CA THR A 1108 -56.07 -18.69 -11.42
C THR A 1108 -57.22 -18.71 -10.42
N THR A 1109 -56.84 -18.67 -9.14
CA THR A 1109 -57.76 -18.78 -8.02
C THR A 1109 -57.57 -17.58 -7.09
N VAL A 1110 -58.69 -17.03 -6.63
CA VAL A 1110 -58.65 -15.98 -5.62
C VAL A 1110 -58.15 -16.49 -4.28
N ASN A 1111 -58.52 -17.72 -3.89
CA ASN A 1111 -58.07 -18.25 -2.61
C ASN A 1111 -56.57 -18.59 -2.63
N TYR A 1112 -56.03 -18.98 -3.79
CA TYR A 1112 -54.60 -19.25 -3.86
C TYR A 1112 -53.77 -18.00 -3.61
N TYR A 1113 -54.22 -16.87 -4.16
CA TYR A 1113 -53.45 -15.64 -3.99
C TYR A 1113 -53.55 -15.13 -2.55
N ALA A 1114 -54.70 -15.30 -1.90
CA ALA A 1114 -54.80 -14.96 -0.48
C ALA A 1114 -53.94 -15.89 0.36
N GLY A 1115 -53.88 -17.18 0.01
CA GLY A 1115 -53.01 -18.09 0.74
C GLY A 1115 -51.54 -17.75 0.56
N LEU A 1116 -51.15 -17.33 -0.64
CA LEU A 1116 -49.79 -16.87 -0.87
C LEU A 1116 -49.51 -15.58 -0.10
N LEU A 1117 -50.49 -14.68 -0.04
CA LEU A 1117 -50.31 -13.45 0.72
C LEU A 1117 -50.09 -13.75 2.20
N VAL A 1118 -50.85 -14.70 2.76
CA VAL A 1118 -50.67 -15.07 4.16
C VAL A 1118 -49.32 -15.75 4.37
N ILE A 1119 -48.98 -16.70 3.49
CA ILE A 1119 -47.74 -17.46 3.64
C ILE A 1119 -46.52 -16.58 3.46
N LEU A 1120 -46.66 -15.44 2.80
CA LEU A 1120 -45.55 -14.51 2.65
C LEU A 1120 -45.53 -13.47 3.75
N LEU A 1121 -46.70 -13.00 4.19
CA LEU A 1121 -46.75 -12.02 5.27
C LEU A 1121 -46.23 -12.60 6.57
N ILE A 1122 -46.58 -13.86 6.87
CA ILE A 1122 -46.07 -14.48 8.09
C ILE A 1122 -44.55 -14.65 8.02
N SER A 1123 -43.98 -14.79 6.82
CA SER A 1123 -42.55 -14.97 6.69
C SER A 1123 -41.78 -13.66 6.68
N ILE A 1124 -42.37 -12.57 6.20
CA ILE A 1124 -41.65 -11.30 6.04
C ILE A 1124 -42.04 -10.29 7.11
N PHE A 1125 -43.00 -10.60 7.96
CA PHE A 1125 -43.34 -9.63 9.00
C PHE A 1125 -42.36 -9.64 10.18
N PRO A 1126 -41.90 -10.81 10.69
CA PRO A 1126 -40.85 -10.75 11.72
C PRO A 1126 -39.59 -10.00 11.30
N VAL A 1127 -39.13 -10.18 10.06
CA VAL A 1127 -37.91 -9.51 9.61
C VAL A 1127 -38.13 -8.00 9.53
N TRP A 1128 -39.26 -7.59 8.94
CA TRP A 1128 -39.55 -6.18 8.81
C TRP A 1128 -39.71 -5.51 10.16
N THR A 1129 -40.42 -6.15 11.09
CA THR A 1129 -40.62 -5.51 12.39
C THR A 1129 -39.34 -5.54 13.22
N ALA A 1130 -38.50 -6.57 13.07
CA ALA A 1130 -37.23 -6.59 13.78
C ALA A 1130 -36.32 -5.47 13.30
N LYS A 1131 -36.21 -5.28 11.99
CA LYS A 1131 -35.36 -4.19 11.52
C LYS A 1131 -35.99 -2.84 11.80
N ALA A 1132 -37.32 -2.73 11.86
CA ALA A 1132 -37.95 -1.47 12.21
C ALA A 1132 -37.64 -1.08 13.65
N ILE A 1133 -37.77 -2.02 14.58
CA ILE A 1133 -37.49 -1.69 15.98
C ILE A 1133 -35.98 -1.50 16.18
N TYR A 1134 -35.15 -2.19 15.42
CA TYR A 1134 -33.71 -1.98 15.56
C TYR A 1134 -33.25 -0.66 14.94
N ARG A 1135 -33.96 -0.16 13.93
CA ARG A 1135 -33.69 1.17 13.41
C ARG A 1135 -34.24 2.26 14.29
N ARG A 1136 -35.34 2.00 15.01
CA ARG A 1136 -35.86 2.97 15.97
C ARG A 1136 -35.16 2.93 17.31
N LEU A 1137 -34.37 1.90 17.59
CA LEU A 1137 -33.59 1.83 18.83
C LEU A 1137 -32.14 2.27 18.66
N HIS A 1138 -31.54 1.98 17.51
CA HIS A 1138 -30.14 2.31 17.24
C HIS A 1138 -30.07 3.09 15.93
N PRO A 1139 -30.39 4.38 15.95
CA PRO A 1139 -30.26 5.19 14.73
C PRO A 1139 -28.81 5.30 14.30
N PRO A 1140 -28.54 5.37 13.01
CA PRO A 1140 -27.16 5.38 12.53
C PRO A 1140 -26.58 6.78 12.45
N SER A 1141 -25.25 6.83 12.52
CA SER A 1141 -24.52 8.09 12.41
C SER A 1141 -23.08 7.83 11.97
AL ALF B . 10.74 5.78 3.33
F1 ALF B . 10.16 7.09 4.40
F2 ALF B . 11.30 4.48 2.26
F3 ALF B . 11.56 5.01 4.71
F4 ALF B . 9.90 6.52 1.94
MG MG C . 10.50 3.79 -0.25
#